data_8J6D
#
_entry.id   8J6D
#
loop_
_entity.id
_entity.type
_entity.pdbx_description
1 polymer 'Guanine nucleotide-binding protein G(o) subunit alpha'
2 polymer 'Guanine nucleotide-binding protein G(I)/G(S)/G(T) subunit beta-1'
3 polymer 'C3a anaphylatoxin chemotactic receptor'
4 polymer 'EP141 peptide agonist'
5 polymer 'Guanine nucleotide-binding protein G(I)/G(S)/G(O) subunit gamma-2'
6 polymer 'Antibody fragment - ScFv16'
#
loop_
_entity_poly.entity_id
_entity_poly.type
_entity_poly.pdbx_seq_one_letter_code
_entity_poly.pdbx_strand_id
1 'polypeptide(L)'
;MGHHHHHHENLYFQGTLSAEERAALERSKAIEKNLKEDGISAAKDVKLLLLGADNSGKSTIVKQMKIIHGGSGGSGGTTG
IVETHFTFKNLHFRLFDVGGQRSERKKWIHCFEDVTAIIFCVDLSDYDQVLHEDETTNRMHESLMLFDSICNNKFFIDTS
IILFLNKKDLFGEKIKKSPLTICFPEYTGPNTYEDAAAYIQAQFESKNRSPNKEIYCHMTCATDTNNAQVIFDAVTDIII
ANNLRGCGLY
;
A
2 'polypeptide(L)'
;MHHHHHHGSSGSELDQLRQEAEQLKNQIRDARKACADATLSQITNNIDPVGRIQMRTRRTLRGHLAKIYAMHWGTDSRLL
VSASQDGKLIIWDSYTTNKVHAIPLRSSWVMTCAYAPSGNYVACGGLDNICSIYNLKTREGNVRVSRELAGHTGYLSCCR
FLDDNQIVTSSGDTTCALWDIETGQQTTTFTGHTGDVMSLSLAPDTRLFVSGACDASAKLWDVREGMCRQTFTGHESDIN
AICFFPNGNAFATGSDDATCRLFDLRADQELMTYSHDNIICGITSVSFSKSGRLLLAGYDDFNCNVWDALKADRAGVLAG
HDNRVSCLGVTDDGMAVATGSWDSFLKIWN
;
B
3 'polypeptide(L)'
;MGKTIIALSYIFCLVFADYKDDDDAANFTPVNGSSGNQSVRLVTSSSLEVLFQGPGSASFSAETNSTDLLSQPWNEPPVI
LSMVILSLTFLLGLPGNGLVLWVAGLKMQRTVNTIWFLHLTLADLLCCLSLPFSLAHLALQGQWPYGRFLCKLIPSIIVL
NMFASVFLLTAISLDRCLVVFKPIWCQNHRNVGMACSICGCIWVVAFVMCIPVFVYREIFTTDNHNRCGYKFGLSSSLDY
PDFYGDPLENRSLENIVQPPGEMNDRLDPSSFQTNDHPWTVPTVFQPQTFQRPSADSLPRGSARLTSQNLYSNVFKPADV
VSPKIPSGFPIEDHETSPLDNSDAFLSTHLKLFPSASSNSFYESELPQGFQDYYNLGQFTDDDQVPTPLVAITITRLVVG
FLLPSVIMIACYSFIVFRMQRGRFAKSQSKTFRVAVVVVAVFLVCWTPYHIFGVLSLLTDPETPLGKTLMSWDHVCIALA
SANSCFNPFLYALLGKDFRKKARQSIQGILEAAFSEELTRSTHCPSNNVISERNSTTV
;
C
4 'polypeptide(L)' WWGKKYRASKLGLAR D
5 'polypeptide(L)' MASNNTASIAQARKLVEQLKMEANIDRIKVSKAAADLMAYCEAHAKEDPLLTPVPASENPFREKKFFCAIL G
6 'polypeptide(L)'
;DVQLVESGGGLVQPGGSRKLSCSASGFAFSSFGMHWVRQAPEKGLEWVAYISSGSGTIYYADTVKGRFTISRDDPKNTLF
LQMTSLRSEDTAMYYCVRSIYYYGSSPFDFWGQGTTLTVSSGGGGSGGGGSGGGGSDIVMTQATSSVPVTPGESVSISCR
SSKSLLHSNGNTYLYWFLQRPGQSPQLLIYRMSNLASGVPDRFSGSGSGTAFTLTISRLEAEDVGVYYCMQHLEYPLTFG
AGTKLELK
;
H
#
# COMPACT_ATOMS: atom_id res chain seq x y z
N SER A 18 26.53 -6.89 -1.66
CA SER A 18 25.93 -5.53 -1.78
C SER A 18 26.77 -4.50 -1.03
N ALA A 19 27.07 -3.38 -1.67
CA ALA A 19 28.07 -2.43 -1.16
C ALA A 19 27.44 -1.37 -0.24
N GLU A 20 26.53 -0.58 -0.80
CA GLU A 20 25.85 0.44 -0.01
C GLU A 20 24.36 0.54 -0.31
N GLU A 21 23.86 -0.06 -1.38
CA GLU A 21 22.44 -0.39 -1.47
C GLU A 21 22.02 -1.28 -0.31
N ARG A 22 22.98 -1.95 0.33
CA ARG A 22 22.70 -2.65 1.57
C ARG A 22 22.16 -1.72 2.64
N ALA A 23 22.51 -0.42 2.57
CA ALA A 23 21.98 0.56 3.51
C ALA A 23 20.67 1.15 3.01
N ALA A 24 20.53 1.31 1.70
CA ALA A 24 19.24 1.73 1.15
C ALA A 24 18.16 0.71 1.50
N LEU A 25 18.53 -0.57 1.57
CA LEU A 25 17.58 -1.59 1.99
C LEU A 25 17.10 -1.34 3.41
N GLU A 26 18.04 -0.99 4.31
CA GLU A 26 17.66 -0.72 5.69
C GLU A 26 16.76 0.50 5.78
N ARG A 27 17.06 1.53 4.99
CA ARG A 27 16.17 2.68 4.92
C ARG A 27 14.77 2.28 4.47
N SER A 28 14.68 1.46 3.42
CA SER A 28 13.37 1.03 2.93
C SER A 28 12.62 0.27 4.00
N LYS A 29 13.29 -0.64 4.71
CA LYS A 29 12.63 -1.39 5.76
C LYS A 29 12.19 -0.47 6.91
N ALA A 30 13.02 0.50 7.26
CA ALA A 30 12.67 1.40 8.36
C ALA A 30 11.42 2.20 8.04
N ILE A 31 11.33 2.76 6.84
CA ILE A 31 10.15 3.56 6.53
C ILE A 31 8.96 2.67 6.19
N GLU A 32 9.19 1.41 5.83
CA GLU A 32 8.10 0.44 5.80
C GLU A 32 7.54 0.21 7.19
N LYS A 33 8.42 0.14 8.19
CA LYS A 33 7.98 0.00 9.58
C LYS A 33 7.19 1.22 10.02
N ASN A 34 7.64 2.42 9.63
CA ASN A 34 6.85 3.62 9.89
C ASN A 34 5.48 3.54 9.24
N LEU A 35 5.43 3.06 7.99
CA LEU A 35 4.14 2.85 7.34
C LEU A 35 3.26 1.91 8.15
N LYS A 36 3.82 0.80 8.63
CA LYS A 36 3.03 -0.16 9.38
C LYS A 36 2.45 0.47 10.64
N GLU A 37 3.31 1.14 11.42
CA GLU A 37 2.84 1.77 12.64
C GLU A 37 1.79 2.83 12.35
N ASP A 38 2.00 3.64 11.31
CA ASP A 38 1.03 4.66 10.95
C ASP A 38 -0.29 4.05 10.55
N GLY A 39 -0.27 2.98 9.78
CA GLY A 39 -1.51 2.32 9.40
C GLY A 39 -2.26 1.77 10.58
N ILE A 40 -1.55 1.14 11.51
CA ILE A 40 -2.21 0.65 12.72
C ILE A 40 -2.83 1.81 13.49
N SER A 41 -2.07 2.89 13.67
CA SER A 41 -2.60 4.03 14.40
C SER A 41 -3.83 4.61 13.73
N ALA A 42 -3.83 4.69 12.41
CA ALA A 42 -4.94 5.30 11.68
C ALA A 42 -6.16 4.40 11.63
N ALA A 43 -5.96 3.08 11.67
CA ALA A 43 -7.10 2.17 11.60
C ALA A 43 -8.05 2.33 12.77
N LYS A 44 -7.51 2.67 13.96
CA LYS A 44 -8.34 2.76 15.16
C LYS A 44 -9.42 3.83 15.02
N ASP A 45 -9.10 4.91 14.32
CA ASP A 45 -10.01 6.06 14.26
C ASP A 45 -11.29 5.68 13.54
N VAL A 46 -12.43 5.90 14.20
CA VAL A 46 -13.73 5.56 13.64
C VAL A 46 -14.11 6.63 12.62
N LYS A 47 -13.93 6.32 11.35
CA LYS A 47 -14.25 7.27 10.30
C LYS A 47 -15.75 7.41 10.14
N LEU A 48 -16.22 8.64 10.07
CA LEU A 48 -17.65 8.95 9.95
C LEU A 48 -17.81 10.05 8.92
N LEU A 49 -18.75 9.89 8.01
CA LEU A 49 -19.00 10.88 6.97
C LEU A 49 -20.27 11.66 7.30
N LEU A 50 -20.15 12.98 7.30
CA LEU A 50 -21.25 13.88 7.66
C LEU A 50 -21.90 14.40 6.39
N LEU A 51 -23.20 14.16 6.25
CA LEU A 51 -23.94 14.59 5.07
C LEU A 51 -25.23 15.27 5.50
N GLY A 52 -25.85 15.98 4.57
CA GLY A 52 -27.04 16.75 4.84
C GLY A 52 -27.07 18.00 3.97
N ALA A 53 -28.27 18.50 3.72
CA ALA A 53 -28.44 19.62 2.82
C ALA A 53 -27.78 20.89 3.37
N ASP A 54 -27.81 21.95 2.56
CA ASP A 54 -27.16 23.19 2.93
C ASP A 54 -27.71 23.73 4.24
N ASN A 55 -26.80 24.12 5.15
CA ASN A 55 -27.13 24.72 6.43
C ASN A 55 -28.02 23.83 7.28
N SER A 56 -28.06 22.54 7.00
CA SER A 56 -29.01 21.63 7.64
C SER A 56 -28.58 21.26 9.05
N GLY A 57 -27.59 21.97 9.61
CA GLY A 57 -27.16 21.74 10.96
C GLY A 57 -25.91 20.90 11.11
N LYS A 58 -25.23 20.58 10.00
CA LYS A 58 -23.97 19.85 10.08
C LYS A 58 -22.99 20.57 11.00
N SER A 59 -22.79 21.86 10.75
CA SER A 59 -21.86 22.64 11.57
C SER A 59 -22.25 22.60 13.04
N THR A 60 -23.55 22.63 13.33
CA THR A 60 -23.99 22.73 14.71
C THR A 60 -23.62 21.48 15.51
N ILE A 61 -23.83 20.30 14.95
CA ILE A 61 -23.40 19.10 15.66
C ILE A 61 -21.89 19.06 15.73
N VAL A 62 -21.20 19.39 14.64
CA VAL A 62 -19.74 19.42 14.68
C VAL A 62 -19.27 20.27 15.85
N LYS A 63 -19.97 21.38 16.11
CA LYS A 63 -19.58 22.27 17.20
C LYS A 63 -19.92 21.67 18.56
N GLN A 64 -21.12 21.11 18.72
CA GLN A 64 -21.52 20.58 20.02
C GLN A 64 -20.68 19.38 20.42
N MET A 65 -20.27 18.54 19.46
CA MET A 65 -19.38 17.42 19.77
C MET A 65 -18.00 17.88 20.21
N LYS A 66 -17.72 19.19 20.17
CA LYS A 66 -16.44 19.72 20.61
C LYS A 66 -15.32 19.33 19.66
N ILE A 67 -14.27 20.14 19.61
CA ILE A 67 -13.23 20.03 18.59
C ILE A 67 -13.88 19.89 17.21
N THR A 79 -10.40 23.40 3.02
CA THR A 79 -11.66 24.02 2.62
C THR A 79 -12.54 23.02 1.90
N GLY A 80 -11.91 22.09 1.17
CA GLY A 80 -12.66 21.04 0.51
C GLY A 80 -13.06 19.90 1.42
N ILE A 81 -12.46 19.81 2.60
CA ILE A 81 -12.85 18.82 3.59
C ILE A 81 -12.32 19.27 4.93
N VAL A 82 -13.14 19.14 5.97
CA VAL A 82 -12.76 19.58 7.30
C VAL A 82 -12.96 18.45 8.30
N GLU A 83 -11.91 17.67 8.55
CA GLU A 83 -11.97 16.59 9.51
C GLU A 83 -12.15 17.15 10.92
N THR A 84 -13.16 16.65 11.63
CA THR A 84 -13.41 17.05 13.02
C THR A 84 -13.11 15.84 13.90
N HIS A 85 -11.85 15.70 14.27
CA HIS A 85 -11.45 14.62 15.16
C HIS A 85 -11.85 14.95 16.59
N PHE A 86 -12.44 13.97 17.27
CA PHE A 86 -12.68 14.09 18.70
C PHE A 86 -12.85 12.69 19.27
N THR A 87 -12.61 12.57 20.57
CA THR A 87 -12.56 11.28 21.25
C THR A 87 -13.65 11.22 22.31
N PHE A 88 -14.40 10.12 22.32
CA PHE A 88 -15.50 9.93 23.26
C PHE A 88 -15.44 8.51 23.82
N LYS A 89 -15.47 8.41 25.15
CA LYS A 89 -15.50 7.13 25.85
C LYS A 89 -14.48 6.15 25.27
N ASN A 90 -13.24 6.60 25.19
CA ASN A 90 -12.08 5.85 24.72
C ASN A 90 -12.09 5.61 23.22
N LEU A 91 -13.04 6.16 22.47
CA LEU A 91 -13.21 5.83 21.07
C LEU A 91 -13.06 7.09 20.23
N HIS A 92 -12.04 7.11 19.37
CA HIS A 92 -11.67 8.30 18.62
C HIS A 92 -12.47 8.37 17.33
N PHE A 93 -13.30 9.39 17.21
CA PHE A 93 -14.02 9.65 15.98
C PHE A 93 -13.19 10.51 15.04
N ARG A 94 -13.51 10.41 13.74
CA ARG A 94 -12.98 11.30 12.72
C ARG A 94 -14.15 11.66 11.82
N LEU A 95 -14.85 12.73 12.17
CA LEU A 95 -16.08 13.12 11.47
C LEU A 95 -15.69 14.01 10.30
N PHE A 96 -15.73 13.46 9.10
CA PHE A 96 -15.34 14.18 7.89
C PHE A 96 -16.54 14.91 7.31
N ASP A 97 -16.47 16.22 7.26
CA ASP A 97 -17.49 17.05 6.64
C ASP A 97 -16.99 17.48 5.26
N VAL A 98 -17.76 17.16 4.23
CA VAL A 98 -17.33 17.36 2.85
C VAL A 98 -18.08 18.49 2.15
N GLY A 99 -18.80 19.32 2.92
CA GLY A 99 -19.72 20.27 2.33
C GLY A 99 -19.10 21.25 1.36
N GLY A 100 -17.79 21.43 1.42
CA GLY A 100 -17.14 22.39 0.54
C GLY A 100 -17.04 21.95 -0.91
N GLN A 101 -17.31 20.69 -1.21
CA GLN A 101 -17.16 20.15 -2.56
C GLN A 101 -18.41 20.49 -3.38
N ARG A 102 -18.35 21.60 -4.12
CA ARG A 102 -19.34 21.90 -5.13
C ARG A 102 -19.01 21.15 -6.42
N SER A 103 -18.86 19.83 -6.28
CA SER A 103 -18.44 18.97 -7.39
C SER A 103 -19.20 17.66 -7.32
N GLU A 104 -19.13 16.90 -8.40
CA GLU A 104 -19.90 15.67 -8.52
C GLU A 104 -19.44 14.65 -7.49
N ARG A 105 -20.36 14.24 -6.62
CA ARG A 105 -20.03 13.34 -5.51
C ARG A 105 -19.44 12.03 -6.01
N LYS A 106 -19.98 11.50 -7.11
CA LYS A 106 -19.58 10.16 -7.56
C LYS A 106 -18.10 10.07 -7.88
N LYS A 107 -17.42 11.18 -8.14
CA LYS A 107 -16.01 11.16 -8.48
C LYS A 107 -15.10 11.08 -7.27
N TRP A 108 -15.60 11.38 -6.07
CA TRP A 108 -14.80 11.26 -4.87
C TRP A 108 -15.48 10.56 -3.71
N ILE A 109 -16.77 10.22 -3.81
CA ILE A 109 -17.43 9.48 -2.74
C ILE A 109 -16.68 8.17 -2.47
N HIS A 110 -16.13 7.55 -3.50
CA HIS A 110 -15.45 6.29 -3.31
C HIS A 110 -14.24 6.41 -2.40
N CYS A 111 -13.76 7.64 -2.16
CA CYS A 111 -12.71 7.82 -1.17
C CYS A 111 -13.21 7.49 0.23
N PHE A 112 -14.51 7.66 0.48
CA PHE A 112 -15.11 7.48 1.79
C PHE A 112 -15.70 6.11 2.02
N GLU A 113 -15.34 5.11 1.22
CA GLU A 113 -15.65 3.75 1.63
C GLU A 113 -14.99 3.44 2.96
N ASP A 114 -15.59 2.50 3.69
CA ASP A 114 -15.09 2.05 4.99
C ASP A 114 -15.18 3.12 6.07
N VAL A 115 -15.85 4.23 5.79
CA VAL A 115 -16.35 5.06 6.89
C VAL A 115 -17.32 4.21 7.70
N THR A 116 -17.04 4.05 8.98
CA THR A 116 -17.79 3.07 9.76
C THR A 116 -19.28 3.37 9.78
N ALA A 117 -19.65 4.63 9.53
CA ALA A 117 -21.06 4.98 9.42
C ALA A 117 -21.18 6.32 8.74
N ILE A 118 -22.31 6.55 8.12
CA ILE A 118 -22.67 7.87 7.64
C ILE A 118 -23.54 8.54 8.70
N ILE A 119 -23.21 9.78 9.03
CA ILE A 119 -23.96 10.57 9.98
C ILE A 119 -24.70 11.62 9.19
N PHE A 120 -26.02 11.58 9.22
CA PHE A 120 -26.86 12.25 8.25
C PHE A 120 -27.74 13.26 8.96
N CYS A 121 -27.40 14.54 8.84
CA CYS A 121 -28.22 15.61 9.38
C CYS A 121 -29.45 15.83 8.52
N VAL A 122 -30.60 15.95 9.16
CA VAL A 122 -31.81 16.45 8.52
C VAL A 122 -32.27 17.67 9.28
N ASP A 123 -32.46 18.78 8.57
CA ASP A 123 -32.94 20.02 9.17
C ASP A 123 -34.46 20.04 9.06
N LEU A 124 -35.14 19.78 10.18
CA LEU A 124 -36.57 20.02 10.26
C LEU A 124 -36.88 21.46 10.64
N SER A 125 -35.89 22.35 10.53
CA SER A 125 -36.15 23.77 10.70
C SER A 125 -37.09 24.29 9.63
N ASP A 126 -37.17 23.62 8.48
CA ASP A 126 -38.08 24.02 7.42
C ASP A 126 -38.08 23.03 6.26
N TYR A 127 -38.94 23.26 5.28
CA TYR A 127 -39.01 22.41 4.09
C TYR A 127 -39.45 23.22 2.88
N MET A 140 -35.99 20.03 2.13
CA MET A 140 -36.27 18.74 2.76
C MET A 140 -36.40 17.62 1.74
N HIS A 141 -37.15 17.88 0.66
CA HIS A 141 -37.20 16.91 -0.43
C HIS A 141 -35.80 16.71 -1.02
N GLU A 142 -35.02 17.79 -1.10
CA GLU A 142 -33.62 17.65 -1.46
C GLU A 142 -32.90 16.70 -0.51
N SER A 143 -33.26 16.76 0.77
CA SER A 143 -32.64 15.86 1.74
C SER A 143 -33.04 14.41 1.49
N LEU A 144 -34.29 14.15 1.11
CA LEU A 144 -34.68 12.79 0.76
C LEU A 144 -33.93 12.31 -0.48
N MET A 145 -33.78 13.17 -1.49
CA MET A 145 -33.00 12.77 -2.67
C MET A 145 -31.57 12.43 -2.28
N LEU A 146 -30.96 13.27 -1.43
CA LEU A 146 -29.58 13.03 -1.01
C LEU A 146 -29.47 11.72 -0.25
N PHE A 147 -30.40 11.47 0.67
CA PHE A 147 -30.37 10.23 1.45
C PHE A 147 -30.55 9.02 0.55
N ASP A 148 -31.51 9.09 -0.39
CA ASP A 148 -31.76 7.98 -1.29
C ASP A 148 -30.51 7.66 -2.11
N SER A 149 -29.88 8.70 -2.67
CA SER A 149 -28.65 8.48 -3.42
C SER A 149 -27.58 7.85 -2.54
N ILE A 150 -27.46 8.34 -1.30
CA ILE A 150 -26.34 7.93 -0.46
C ILE A 150 -26.49 6.49 0.00
N CYS A 151 -27.66 6.12 0.49
CA CYS A 151 -27.83 4.79 1.08
C CYS A 151 -27.93 3.70 0.03
N ASN A 152 -28.31 4.06 -1.20
CA ASN A 152 -28.39 3.11 -2.30
C ASN A 152 -27.13 3.07 -3.16
N ASN A 153 -26.11 3.85 -2.81
CA ASN A 153 -24.89 3.89 -3.59
C ASN A 153 -24.15 2.56 -3.46
N LYS A 154 -23.64 2.07 -4.59
CA LYS A 154 -22.98 0.76 -4.58
C LYS A 154 -21.83 0.72 -3.59
N PHE A 155 -21.26 1.88 -3.27
CA PHE A 155 -20.11 1.92 -2.36
C PHE A 155 -20.52 1.77 -0.90
N PHE A 156 -21.78 2.05 -0.57
CA PHE A 156 -22.22 2.14 0.82
C PHE A 156 -23.26 1.09 1.19
N ILE A 157 -23.35 0.00 0.43
CA ILE A 157 -24.36 -1.01 0.73
C ILE A 157 -24.12 -1.64 2.10
N ASP A 158 -22.89 -1.62 2.59
CA ASP A 158 -22.57 -2.13 3.92
C ASP A 158 -22.47 -1.04 4.98
N THR A 159 -22.71 0.23 4.63
CA THR A 159 -22.41 1.36 5.49
C THR A 159 -23.70 1.91 6.10
N SER A 160 -23.81 1.84 7.42
CA SER A 160 -25.01 2.27 8.13
C SER A 160 -25.12 3.79 8.14
N ILE A 161 -26.34 4.29 7.98
CA ILE A 161 -26.62 5.72 7.91
C ILE A 161 -27.25 6.14 9.24
N ILE A 162 -26.43 6.61 10.18
CA ILE A 162 -26.95 7.26 11.38
C ILE A 162 -27.58 8.58 10.96
N LEU A 163 -28.77 8.88 11.50
CA LEU A 163 -29.64 9.87 10.89
C LEU A 163 -30.24 10.75 11.99
N PHE A 164 -29.68 11.95 12.16
CA PHE A 164 -30.09 12.87 13.23
C PHE A 164 -31.16 13.81 12.72
N LEU A 165 -32.39 13.62 13.19
CA LEU A 165 -33.50 14.54 12.93
C LEU A 165 -33.40 15.71 13.90
N ASN A 166 -32.57 16.68 13.56
CA ASN A 166 -32.23 17.76 14.47
C ASN A 166 -33.27 18.88 14.41
N LYS A 167 -33.13 19.84 15.33
CA LYS A 167 -34.05 20.98 15.46
C LYS A 167 -35.49 20.51 15.66
N LYS A 168 -35.67 19.52 16.54
CA LYS A 168 -37.00 18.98 16.78
C LYS A 168 -37.97 20.03 17.29
N ASP A 169 -37.52 20.92 18.18
CA ASP A 169 -38.41 21.90 18.80
C ASP A 169 -38.96 22.89 17.78
N LEU A 170 -38.12 23.36 16.87
CA LEU A 170 -38.61 24.26 15.83
C LEU A 170 -39.58 23.56 14.90
N PHE A 171 -39.36 22.25 14.67
CA PHE A 171 -40.34 21.45 13.95
C PHE A 171 -41.67 21.44 14.68
N GLY A 172 -41.65 21.21 16.00
CA GLY A 172 -42.88 21.25 16.77
C GLY A 172 -43.57 22.59 16.66
N GLU A 173 -42.79 23.67 16.66
CA GLU A 173 -43.39 25.01 16.54
C GLU A 173 -44.07 25.18 15.19
N LYS A 174 -43.37 24.90 14.09
CA LYS A 174 -43.96 25.13 12.78
C LYS A 174 -45.15 24.20 12.55
N ILE A 175 -45.12 23.00 13.12
CA ILE A 175 -46.27 22.11 13.00
C ILE A 175 -47.51 22.77 13.57
N LYS A 176 -47.34 23.57 14.63
CA LYS A 176 -48.47 24.21 15.26
C LYS A 176 -49.15 25.25 14.37
N LYS A 177 -48.50 25.68 13.28
CA LYS A 177 -49.10 26.65 12.38
C LYS A 177 -49.06 26.16 10.93
N SER A 178 -47.96 25.49 10.56
CA SER A 178 -47.77 25.00 9.20
C SER A 178 -47.74 23.48 9.20
N PRO A 179 -48.69 22.81 8.56
CA PRO A 179 -48.75 21.34 8.64
C PRO A 179 -47.64 20.68 7.85
N LEU A 180 -47.36 19.43 8.22
CA LEU A 180 -46.37 18.64 7.49
C LEU A 180 -46.79 18.35 6.07
N THR A 181 -48.09 18.47 5.76
CA THR A 181 -48.56 18.22 4.40
C THR A 181 -47.99 19.21 3.40
N ILE A 182 -47.54 20.38 3.87
CA ILE A 182 -46.85 21.33 2.99
C ILE A 182 -45.57 20.72 2.45
N CYS A 183 -45.01 19.73 3.15
CA CYS A 183 -43.86 18.99 2.65
C CYS A 183 -44.28 17.68 1.99
N PHE A 184 -45.27 16.99 2.53
CA PHE A 184 -45.72 15.69 2.03
C PHE A 184 -47.23 15.70 1.85
N PRO A 185 -47.73 16.11 0.68
CA PRO A 185 -49.17 16.10 0.46
C PRO A 185 -49.81 14.73 0.66
N GLU A 186 -49.04 13.64 0.53
CA GLU A 186 -49.60 12.32 0.75
C GLU A 186 -49.75 12.00 2.22
N TYR A 187 -49.23 12.84 3.11
CA TYR A 187 -49.27 12.59 4.54
C TYR A 187 -50.71 12.59 5.04
N THR A 188 -51.21 11.41 5.38
CA THR A 188 -52.59 11.22 5.82
C THR A 188 -52.55 10.87 7.31
N GLY A 189 -52.62 11.90 8.15
CA GLY A 189 -52.57 11.71 9.58
C GLY A 189 -52.82 12.99 10.36
N PRO A 190 -52.83 12.86 11.69
CA PRO A 190 -53.05 14.01 12.58
C PRO A 190 -51.79 14.87 12.66
N ASN A 191 -51.92 16.14 12.28
CA ASN A 191 -50.77 17.03 12.21
C ASN A 191 -50.28 17.38 13.60
N THR A 192 -49.30 16.63 14.10
CA THR A 192 -48.79 16.80 15.46
C THR A 192 -47.33 16.37 15.48
N TYR A 193 -46.59 16.92 16.46
CA TYR A 193 -45.16 16.62 16.55
C TYR A 193 -44.92 15.12 16.71
N GLU A 194 -45.59 14.49 17.68
CA GLU A 194 -45.32 13.09 17.96
C GLU A 194 -45.59 12.21 16.75
N ASP A 195 -46.52 12.60 15.88
CA ASP A 195 -46.83 11.81 14.70
C ASP A 195 -45.90 12.17 13.53
N ALA A 196 -45.70 13.48 13.31
CA ALA A 196 -44.90 13.92 12.18
C ALA A 196 -43.45 13.47 12.30
N ALA A 197 -42.88 13.50 13.52
CA ALA A 197 -41.50 13.06 13.66
C ALA A 197 -41.34 11.59 13.29
N ALA A 198 -42.29 10.75 13.69
CA ALA A 198 -42.22 9.34 13.36
C ALA A 198 -42.49 9.11 11.87
N TYR A 199 -43.36 9.93 11.28
CA TYR A 199 -43.60 9.84 9.85
C TYR A 199 -42.34 10.17 9.05
N ILE A 200 -41.62 11.21 9.46
CA ILE A 200 -40.38 11.61 8.79
C ILE A 200 -39.34 10.51 8.95
N GLN A 201 -39.22 9.99 10.17
CA GLN A 201 -38.33 8.87 10.43
C GLN A 201 -38.64 7.68 9.53
N ALA A 202 -39.93 7.35 9.39
CA ALA A 202 -40.32 6.23 8.55
C ALA A 202 -40.02 6.50 7.08
N GLN A 203 -40.27 7.71 6.62
CA GLN A 203 -39.92 8.07 5.25
C GLN A 203 -38.45 7.80 4.99
N PHE A 204 -37.57 8.36 5.83
CA PHE A 204 -36.14 8.18 5.59
C PHE A 204 -35.74 6.72 5.70
N GLU A 205 -36.30 6.00 6.68
CA GLU A 205 -36.00 4.58 6.78
C GLU A 205 -36.37 3.86 5.49
N SER A 206 -37.48 4.24 4.86
CA SER A 206 -37.99 3.51 3.71
C SER A 206 -37.08 3.59 2.50
N LYS A 207 -36.14 4.52 2.45
CA LYS A 207 -35.21 4.61 1.35
C LYS A 207 -34.13 3.54 1.41
N ASN A 208 -34.06 2.77 2.49
CA ASN A 208 -33.10 1.67 2.59
C ASN A 208 -33.68 0.47 1.86
N ARG A 209 -33.30 0.32 0.59
CA ARG A 209 -33.80 -0.78 -0.23
C ARG A 209 -32.99 -2.06 -0.07
N SER A 210 -31.87 -2.02 0.64
CA SER A 210 -31.07 -3.21 0.92
C SER A 210 -31.20 -3.56 2.40
N PRO A 211 -31.80 -4.70 2.76
CA PRO A 211 -31.92 -5.04 4.18
C PRO A 211 -30.60 -5.33 4.87
N ASN A 212 -29.50 -5.24 4.12
CA ASN A 212 -28.19 -5.53 4.68
C ASN A 212 -27.74 -4.52 5.73
N LYS A 213 -28.37 -3.35 5.81
CA LYS A 213 -27.82 -2.21 6.53
C LYS A 213 -28.86 -1.56 7.41
N GLU A 214 -28.39 -0.83 8.42
CA GLU A 214 -29.24 -0.21 9.41
C GLU A 214 -29.40 1.28 9.15
N ILE A 215 -30.43 1.86 9.76
CA ILE A 215 -30.59 3.31 9.86
C ILE A 215 -30.95 3.62 11.31
N TYR A 216 -30.29 4.61 11.89
CA TYR A 216 -30.42 4.93 13.31
C TYR A 216 -30.95 6.35 13.44
N CYS A 217 -32.27 6.48 13.48
CA CYS A 217 -32.87 7.80 13.63
C CYS A 217 -32.89 8.22 15.09
N HIS A 218 -32.38 9.42 15.37
CA HIS A 218 -32.42 9.99 16.71
C HIS A 218 -32.80 11.46 16.60
N MET A 219 -33.80 11.86 17.36
CA MET A 219 -34.21 13.26 17.39
C MET A 219 -33.24 14.09 18.20
N THR A 220 -33.16 15.38 17.86
CA THR A 220 -32.28 16.30 18.57
C THR A 220 -32.84 17.71 18.45
N CYS A 221 -32.77 18.45 19.56
CA CYS A 221 -33.20 19.84 19.60
C CYS A 221 -32.08 20.82 19.33
N ALA A 222 -30.88 20.31 19.02
CA ALA A 222 -29.71 21.15 18.75
C ALA A 222 -29.27 21.93 19.98
N THR A 223 -29.74 21.51 21.16
CA THR A 223 -29.36 22.18 22.40
C THR A 223 -29.10 21.15 23.49
N ASP A 224 -28.37 20.09 23.16
CA ASP A 224 -28.14 18.99 24.10
C ASP A 224 -26.76 18.42 23.87
N THR A 225 -26.16 17.92 24.95
CA THR A 225 -24.85 17.29 24.89
C THR A 225 -24.92 15.77 24.77
N ASN A 226 -26.10 15.16 24.86
CA ASN A 226 -26.22 13.72 24.68
C ASN A 226 -25.94 13.29 23.26
N ASN A 227 -25.86 14.24 22.31
CA ASN A 227 -25.73 13.89 20.90
C ASN A 227 -24.52 13.00 20.64
N ALA A 228 -23.36 13.37 21.19
CA ALA A 228 -22.17 12.55 20.99
C ALA A 228 -22.35 11.17 21.60
N GLN A 229 -23.07 11.07 22.72
CA GLN A 229 -23.36 9.76 23.30
C GLN A 229 -24.23 8.93 22.36
N VAL A 230 -25.20 9.57 21.69
CA VAL A 230 -26.03 8.87 20.73
C VAL A 230 -25.18 8.33 19.58
N ILE A 231 -24.30 9.19 19.03
CA ILE A 231 -23.42 8.76 17.96
C ILE A 231 -22.56 7.59 18.43
N PHE A 232 -22.08 7.65 19.67
CA PHE A 232 -21.27 6.56 20.21
C PHE A 232 -22.06 5.26 20.26
N ASP A 233 -23.29 5.30 20.74
CA ASP A 233 -24.05 4.05 20.84
C ASP A 233 -24.33 3.47 19.47
N ALA A 234 -24.71 4.32 18.51
CA ALA A 234 -24.96 3.83 17.15
C ALA A 234 -23.69 3.25 16.54
N VAL A 235 -22.56 3.93 16.75
CA VAL A 235 -21.31 3.48 16.17
C VAL A 235 -20.87 2.16 16.78
N THR A 236 -21.06 1.99 18.09
CA THR A 236 -20.72 0.70 18.69
C THR A 236 -21.61 -0.43 18.16
N ASP A 237 -22.90 -0.16 17.96
CA ASP A 237 -23.75 -1.19 17.36
C ASP A 237 -23.28 -1.51 15.94
N ILE A 238 -22.89 -0.48 15.17
CA ILE A 238 -22.43 -0.70 13.80
C ILE A 238 -21.12 -1.46 13.79
N ILE A 239 -20.24 -1.16 14.74
CA ILE A 239 -18.97 -1.88 14.86
C ILE A 239 -19.23 -3.35 15.14
N ILE A 240 -20.16 -3.63 16.05
CA ILE A 240 -20.51 -5.01 16.34
C ILE A 240 -20.97 -5.71 15.06
N ALA A 241 -21.88 -5.07 14.33
CA ALA A 241 -22.43 -5.68 13.12
C ALA A 241 -21.34 -5.92 12.09
N ASN A 242 -20.48 -4.94 11.86
CA ASN A 242 -19.45 -5.04 10.84
C ASN A 242 -18.32 -5.99 11.24
N ASN A 243 -18.10 -6.20 12.53
CA ASN A 243 -17.18 -7.26 12.93
C ASN A 243 -17.79 -8.63 12.68
N LEU A 244 -19.08 -8.78 13.01
CA LEU A 244 -19.73 -10.07 12.80
C LEU A 244 -19.80 -10.42 11.32
N ARG A 245 -19.99 -9.43 10.45
CA ARG A 245 -19.91 -9.69 9.02
C ARG A 245 -18.57 -10.33 8.66
N GLY A 246 -17.47 -9.69 9.09
CA GLY A 246 -16.16 -10.21 8.75
C GLY A 246 -15.91 -11.59 9.31
N CYS A 247 -16.48 -11.87 10.49
CA CYS A 247 -16.37 -13.22 11.04
C CYS A 247 -17.20 -14.24 10.27
N GLY A 248 -18.06 -13.79 9.35
CA GLY A 248 -18.92 -14.70 8.62
C GLY A 248 -20.06 -15.26 9.44
N LEU A 249 -20.17 -14.86 10.71
CA LEU A 249 -21.20 -15.33 11.61
C LEU A 249 -22.50 -14.56 11.46
N TYR A 250 -22.53 -13.57 10.57
CA TYR A 250 -23.68 -12.67 10.43
C TYR A 250 -23.88 -12.30 8.97
N LEU B 14 -29.31 37.79 -27.64
CA LEU B 14 -28.62 36.60 -27.05
C LEU B 14 -28.72 35.40 -27.98
N ASP B 15 -29.94 35.14 -28.47
CA ASP B 15 -30.19 33.94 -29.25
C ASP B 15 -29.28 33.84 -30.48
N GLN B 16 -28.80 34.98 -30.99
CA GLN B 16 -27.87 34.92 -32.11
C GLN B 16 -26.62 34.12 -31.75
N LEU B 17 -26.18 34.20 -30.49
CA LEU B 17 -25.00 33.44 -30.07
C LEU B 17 -25.30 31.95 -30.03
N ARG B 18 -26.51 31.55 -29.70
CA ARG B 18 -26.85 30.13 -29.72
C ARG B 18 -26.82 29.59 -31.15
N GLN B 19 -27.36 30.35 -32.10
CA GLN B 19 -27.27 29.98 -33.50
C GLN B 19 -25.83 29.92 -33.96
N GLU B 20 -25.02 30.89 -33.54
CA GLU B 20 -23.61 30.89 -33.93
C GLU B 20 -22.91 29.66 -33.38
N ALA B 21 -23.20 29.28 -32.13
CA ALA B 21 -22.58 28.10 -31.54
C ALA B 21 -22.98 26.84 -32.29
N GLU B 22 -24.27 26.70 -32.59
CA GLU B 22 -24.73 25.52 -33.32
C GLU B 22 -24.05 25.45 -34.69
N GLN B 23 -24.01 26.58 -35.40
CA GLN B 23 -23.48 26.57 -36.76
C GLN B 23 -21.97 26.39 -36.77
N LEU B 24 -21.27 26.92 -35.77
CA LEU B 24 -19.82 26.72 -35.69
C LEU B 24 -19.49 25.27 -35.33
N LYS B 25 -20.23 24.68 -34.40
CA LYS B 25 -20.03 23.27 -34.09
C LYS B 25 -20.30 22.41 -35.32
N ASN B 26 -21.37 22.72 -36.05
CA ASN B 26 -21.64 21.99 -37.29
C ASN B 26 -20.58 22.23 -38.34
N GLN B 27 -19.97 23.41 -38.36
CA GLN B 27 -18.87 23.67 -39.27
C GLN B 27 -17.69 22.77 -38.94
N ILE B 28 -17.36 22.65 -37.66
CA ILE B 28 -16.30 21.73 -37.25
C ILE B 28 -16.65 20.31 -37.65
N ARG B 29 -17.90 19.91 -37.41
CA ARG B 29 -18.33 18.56 -37.74
C ARG B 29 -18.21 18.29 -39.24
N ASP B 30 -18.62 19.26 -40.06
CA ASP B 30 -18.53 19.09 -41.51
C ASP B 30 -17.07 19.03 -41.96
N ALA B 31 -16.23 19.90 -41.39
CA ALA B 31 -14.81 19.88 -41.75
C ALA B 31 -14.19 18.53 -41.43
N ARG B 32 -14.56 17.94 -40.29
CA ARG B 32 -14.05 16.61 -39.97
C ARG B 32 -14.68 15.53 -40.84
N LYS B 33 -15.95 15.69 -41.22
CA LYS B 33 -16.55 14.75 -42.17
C LYS B 33 -15.79 14.76 -43.48
N ALA B 34 -15.31 15.94 -43.90
CA ALA B 34 -14.46 16.00 -45.09
C ALA B 34 -13.11 15.34 -44.82
N CYS B 35 -12.53 15.60 -43.65
CA CYS B 35 -11.23 15.02 -43.31
C CYS B 35 -11.31 13.52 -43.07
N ALA B 36 -12.52 12.95 -42.95
CA ALA B 36 -12.67 11.53 -42.72
C ALA B 36 -12.55 10.74 -44.02
N ASP B 37 -11.44 10.91 -44.73
CA ASP B 37 -11.22 10.18 -45.98
C ASP B 37 -11.01 8.69 -45.75
N ALA B 38 -10.50 8.30 -44.59
CA ALA B 38 -10.28 6.89 -44.27
C ALA B 38 -10.44 6.74 -42.77
N THR B 39 -10.01 5.60 -42.23
CA THR B 39 -9.92 5.41 -40.80
C THR B 39 -8.75 4.47 -40.53
N LEU B 40 -8.11 4.66 -39.37
CA LEU B 40 -6.97 3.82 -39.03
C LEU B 40 -7.31 2.34 -39.12
N SER B 41 -8.54 1.98 -38.77
CA SER B 41 -8.94 0.58 -38.81
C SER B 41 -8.82 -0.01 -40.21
N GLN B 42 -8.98 0.83 -41.24
CA GLN B 42 -8.84 0.36 -42.62
C GLN B 42 -7.38 0.22 -43.01
N ILE B 43 -6.64 1.33 -42.97
CA ILE B 43 -5.32 1.38 -43.58
C ILE B 43 -4.35 0.45 -42.89
N THR B 44 -4.55 0.17 -41.60
CA THR B 44 -3.64 -0.67 -40.85
C THR B 44 -3.95 -2.16 -40.99
N ASN B 45 -4.94 -2.52 -41.80
CA ASN B 45 -5.42 -3.91 -41.82
C ASN B 45 -4.29 -4.89 -42.13
N ASN B 46 -3.42 -4.55 -43.08
CA ASN B 46 -2.39 -5.49 -43.52
C ASN B 46 -1.27 -5.68 -42.51
N ILE B 47 -1.20 -4.87 -41.46
CA ILE B 47 -0.09 -4.94 -40.52
C ILE B 47 -0.29 -6.11 -39.58
N ASP B 48 0.82 -6.77 -39.23
CA ASP B 48 0.76 -8.04 -38.54
C ASP B 48 0.17 -7.89 -37.13
N PRO B 49 -0.48 -8.93 -36.62
CA PRO B 49 -0.89 -8.91 -35.21
C PRO B 49 0.33 -8.91 -34.29
N VAL B 50 0.18 -8.25 -33.14
CA VAL B 50 1.27 -8.11 -32.18
C VAL B 50 1.46 -9.41 -31.42
N GLY B 51 0.60 -10.39 -31.69
CA GLY B 51 0.70 -11.67 -31.00
C GLY B 51 0.09 -11.62 -29.60
N ARG B 52 0.36 -12.68 -28.85
CA ARG B 52 -0.10 -12.79 -27.48
C ARG B 52 0.91 -12.09 -26.57
N ILE B 53 0.53 -10.91 -26.04
CA ILE B 53 1.41 -10.17 -25.15
C ILE B 53 1.16 -10.64 -23.72
N GLN B 54 1.82 -11.73 -23.34
CA GLN B 54 1.57 -12.37 -22.05
C GLN B 54 2.58 -11.90 -21.01
N MET B 55 2.44 -10.63 -20.62
CA MET B 55 3.34 -10.05 -19.63
C MET B 55 3.20 -10.76 -18.30
N ARG B 56 4.22 -10.61 -17.46
CA ARG B 56 4.25 -11.19 -16.12
C ARG B 56 4.53 -10.10 -15.10
N THR B 57 3.98 -10.28 -13.90
CA THR B 57 4.27 -9.40 -12.79
C THR B 57 5.68 -9.65 -12.29
N ARG B 58 6.57 -8.68 -12.50
CA ARG B 58 7.97 -8.85 -12.11
C ARG B 58 8.22 -8.42 -10.66
N ARG B 59 7.46 -7.47 -10.15
CA ARG B 59 7.48 -7.12 -8.74
C ARG B 59 6.08 -6.72 -8.31
N THR B 60 5.81 -6.88 -7.02
CA THR B 60 4.63 -6.30 -6.39
C THR B 60 5.09 -5.42 -5.25
N LEU B 61 4.77 -4.13 -5.33
CA LEU B 61 5.17 -3.17 -4.32
C LEU B 61 4.23 -3.28 -3.13
N ARG B 62 4.55 -4.17 -2.19
CA ARG B 62 3.74 -4.37 -0.99
C ARG B 62 4.08 -3.30 0.04
N GLY B 63 3.64 -2.08 -0.28
CA GLY B 63 3.79 -0.91 0.56
C GLY B 63 2.47 -0.44 1.14
N HIS B 64 1.84 0.51 0.44
CA HIS B 64 0.64 1.17 0.93
C HIS B 64 -0.32 0.18 1.59
N LEU B 65 -1.04 0.67 2.59
CA LEU B 65 -2.04 -0.11 3.32
C LEU B 65 -3.47 0.29 2.97
N ALA B 66 -3.66 1.13 1.95
CA ALA B 66 -4.99 1.60 1.57
C ALA B 66 -5.03 1.74 0.06
N LYS B 67 -6.17 2.20 -0.45
CA LYS B 67 -6.34 2.39 -1.88
C LYS B 67 -5.25 3.25 -2.47
N ILE B 68 -4.52 2.71 -3.45
CA ILE B 68 -3.63 3.52 -4.26
C ILE B 68 -4.45 4.26 -5.29
N TYR B 69 -4.30 5.58 -5.34
CA TYR B 69 -5.09 6.41 -6.25
C TYR B 69 -4.27 6.97 -7.40
N ALA B 70 -2.95 7.01 -7.28
CA ALA B 70 -2.12 7.47 -8.38
C ALA B 70 -0.71 6.95 -8.20
N MET B 71 0.00 6.84 -9.32
CA MET B 71 1.42 6.53 -9.33
C MET B 71 2.02 7.14 -10.58
N HIS B 72 3.28 7.60 -10.48
CA HIS B 72 3.90 8.30 -11.60
C HIS B 72 5.38 7.93 -11.68
N TRP B 73 5.93 8.02 -12.88
CA TRP B 73 7.29 7.58 -13.17
C TRP B 73 8.24 8.77 -13.29
N GLY B 74 9.40 8.66 -12.65
CA GLY B 74 10.45 9.61 -12.88
C GLY B 74 11.10 9.42 -14.25
N THR B 75 11.69 10.50 -14.76
CA THR B 75 12.30 10.43 -16.08
C THR B 75 13.43 9.42 -16.12
N ASP B 76 14.04 9.10 -14.97
CA ASP B 76 15.07 8.08 -14.95
C ASP B 76 14.50 6.69 -15.22
N SER B 77 13.18 6.54 -15.22
CA SER B 77 12.51 5.27 -15.50
C SER B 77 12.84 4.21 -14.45
N ARG B 78 13.21 4.62 -13.25
CA ARG B 78 13.47 3.65 -12.19
C ARG B 78 12.68 3.99 -10.93
N LEU B 79 12.48 5.26 -10.64
CA LEU B 79 11.75 5.67 -9.45
C LEU B 79 10.31 6.00 -9.81
N LEU B 80 9.37 5.35 -9.12
CA LEU B 80 7.95 5.64 -9.23
C LEU B 80 7.44 6.12 -7.88
N VAL B 81 6.70 7.22 -7.89
CA VAL B 81 6.05 7.74 -6.69
C VAL B 81 4.62 7.23 -6.65
N SER B 82 4.16 6.81 -5.48
CA SER B 82 2.82 6.27 -5.30
C SER B 82 2.09 7.05 -4.22
N ALA B 83 0.81 7.34 -4.46
CA ALA B 83 -0.02 8.10 -3.54
C ALA B 83 -1.24 7.29 -3.16
N SER B 84 -1.61 7.34 -1.89
CA SER B 84 -2.67 6.52 -1.34
C SER B 84 -3.57 7.36 -0.45
N GLN B 85 -4.79 6.86 -0.23
CA GLN B 85 -5.67 7.45 0.77
C GLN B 85 -5.12 7.32 2.18
N ASP B 86 -4.12 6.47 2.39
CA ASP B 86 -3.46 6.40 3.69
C ASP B 86 -2.77 7.70 4.06
N GLY B 87 -2.75 8.68 3.17
CA GLY B 87 -2.08 9.93 3.45
C GLY B 87 -0.58 9.88 3.25
N LYS B 88 -0.10 9.02 2.36
CA LYS B 88 1.32 8.81 2.13
C LYS B 88 1.63 8.91 0.66
N LEU B 89 2.74 9.57 0.34
CA LEU B 89 3.35 9.54 -0.99
C LEU B 89 4.69 8.82 -0.85
N ILE B 90 4.80 7.64 -1.45
CA ILE B 90 5.96 6.76 -1.28
C ILE B 90 6.74 6.71 -2.57
N ILE B 91 8.06 6.85 -2.48
CA ILE B 91 8.95 6.77 -3.64
C ILE B 91 9.49 5.36 -3.73
N TRP B 92 9.34 4.74 -4.90
CA TRP B 92 9.67 3.34 -5.13
C TRP B 92 10.87 3.23 -6.05
N ASP B 93 11.89 2.49 -5.61
CA ASP B 93 12.95 2.03 -6.51
C ASP B 93 12.44 0.80 -7.23
N SER B 94 11.90 0.99 -8.44
CA SER B 94 11.18 -0.09 -9.09
C SER B 94 12.05 -1.31 -9.37
N TYR B 95 13.35 -1.10 -9.63
CA TYR B 95 14.22 -2.24 -9.90
C TYR B 95 14.42 -3.10 -8.68
N THR B 96 14.18 -2.56 -7.48
CA THR B 96 14.36 -3.31 -6.25
C THR B 96 13.16 -3.25 -5.33
N THR B 97 12.15 -2.43 -5.63
CA THR B 97 11.01 -2.21 -4.74
C THR B 97 11.45 -1.67 -3.38
N ASN B 98 12.59 -1.00 -3.33
CA ASN B 98 12.98 -0.30 -2.13
C ASN B 98 12.23 1.02 -2.03
N LYS B 99 11.75 1.33 -0.83
CA LYS B 99 11.19 2.65 -0.55
C LYS B 99 12.30 3.60 -0.15
N VAL B 100 12.27 4.80 -0.71
CA VAL B 100 13.36 5.76 -0.53
C VAL B 100 12.83 7.00 0.17
N HIS B 101 11.56 7.34 -0.06
CA HIS B 101 10.87 8.35 0.73
C HIS B 101 9.46 7.89 1.03
N ALA B 102 8.99 8.19 2.24
CA ALA B 102 7.60 8.02 2.63
C ALA B 102 7.15 9.35 3.22
N ILE B 103 6.31 10.08 2.50
CA ILE B 103 6.02 11.48 2.82
C ILE B 103 4.62 11.53 3.43
N PRO B 104 4.47 11.86 4.71
CA PRO B 104 3.12 12.02 5.29
C PRO B 104 2.52 13.34 4.85
N LEU B 105 1.37 13.27 4.19
CA LEU B 105 0.74 14.45 3.64
C LEU B 105 0.00 15.24 4.71
N ARG B 106 -0.26 16.51 4.41
CA ARG B 106 -1.15 17.31 5.23
C ARG B 106 -2.59 16.82 5.15
N SER B 107 -2.95 16.15 4.06
CA SER B 107 -4.31 15.66 3.86
C SER B 107 -4.26 14.23 3.39
N SER B 108 -5.07 13.38 4.01
CA SER B 108 -5.16 11.98 3.60
C SER B 108 -5.87 11.80 2.27
N TRP B 109 -6.64 12.79 1.85
CA TRP B 109 -7.55 12.62 0.71
C TRP B 109 -6.87 12.99 -0.61
N VAL B 110 -5.75 12.34 -0.89
CA VAL B 110 -5.00 12.55 -2.13
C VAL B 110 -5.68 11.79 -3.26
N MET B 111 -5.70 12.42 -4.45
CA MET B 111 -6.25 11.78 -5.63
C MET B 111 -5.37 11.96 -6.87
N THR B 112 -4.17 12.52 -6.72
CA THR B 112 -3.24 12.62 -7.83
C THR B 112 -1.83 12.67 -7.27
N CYS B 113 -0.86 12.48 -8.18
CA CYS B 113 0.54 12.41 -7.79
C CYS B 113 1.39 12.61 -9.04
N ALA B 114 2.47 13.37 -8.91
CA ALA B 114 3.34 13.64 -10.05
C ALA B 114 4.78 13.74 -9.59
N TYR B 115 5.67 13.27 -10.45
CA TYR B 115 7.11 13.35 -10.25
C TYR B 115 7.67 14.38 -11.22
N ALA B 116 8.40 15.35 -10.69
CA ALA B 116 9.04 16.32 -11.57
C ALA B 116 10.03 15.60 -12.48
N PRO B 117 10.16 16.02 -13.74
CA PRO B 117 11.10 15.31 -14.64
C PRO B 117 12.53 15.30 -14.13
N SER B 118 12.95 16.32 -13.40
CA SER B 118 14.30 16.36 -12.86
C SER B 118 14.53 15.35 -11.75
N GLY B 119 13.46 14.86 -11.12
CA GLY B 119 13.58 14.07 -9.92
C GLY B 119 13.73 14.88 -8.65
N ASN B 120 13.57 16.21 -8.73
CA ASN B 120 13.75 17.06 -7.56
C ASN B 120 12.48 17.20 -6.74
N TYR B 121 11.33 17.36 -7.39
CA TYR B 121 10.08 17.66 -6.71
C TYR B 121 9.02 16.60 -6.97
N VAL B 122 8.13 16.44 -5.99
CA VAL B 122 6.92 15.64 -6.10
C VAL B 122 5.74 16.55 -5.84
N ALA B 123 4.66 16.33 -6.60
CA ALA B 123 3.43 17.10 -6.44
C ALA B 123 2.32 16.15 -6.01
N CYS B 124 1.35 16.71 -5.29
CA CYS B 124 0.31 15.92 -4.66
C CYS B 124 -0.90 16.81 -4.41
N GLY B 125 -2.05 16.18 -4.25
CA GLY B 125 -3.27 16.93 -4.03
C GLY B 125 -4.49 16.05 -4.15
N GLY B 126 -5.64 16.65 -3.86
CA GLY B 126 -6.89 15.91 -3.84
C GLY B 126 -8.06 16.74 -3.36
N LEU B 127 -8.85 16.20 -2.44
CA LEU B 127 -10.00 16.91 -1.90
C LEU B 127 -9.62 18.13 -1.06
N ASP B 128 -8.36 18.25 -0.66
CA ASP B 128 -7.93 19.46 0.05
C ASP B 128 -8.03 20.70 -0.80
N ASN B 129 -8.21 20.55 -2.11
CA ASN B 129 -8.34 21.65 -3.06
C ASN B 129 -7.04 22.41 -3.28
N ILE B 130 -5.93 21.89 -2.79
CA ILE B 130 -4.62 22.50 -2.98
C ILE B 130 -3.64 21.46 -3.49
N CYS B 131 -2.64 21.92 -4.24
CA CYS B 131 -1.57 21.08 -4.74
C CYS B 131 -0.33 21.31 -3.90
N SER B 132 0.22 20.23 -3.34
CA SER B 132 1.38 20.31 -2.46
C SER B 132 2.62 19.91 -3.24
N ILE B 133 3.62 20.79 -3.25
CA ILE B 133 4.87 20.56 -3.95
C ILE B 133 5.93 20.23 -2.91
N TYR B 134 6.58 19.09 -3.06
CA TYR B 134 7.53 18.59 -2.08
C TYR B 134 8.93 18.61 -2.69
N ASN B 135 9.91 18.97 -1.86
CA ASN B 135 11.30 19.01 -2.28
C ASN B 135 11.99 17.74 -1.78
N LEU B 136 12.34 16.85 -2.70
CA LEU B 136 12.93 15.57 -2.32
C LEU B 136 14.39 15.70 -1.90
N LYS B 137 15.04 16.82 -2.21
CA LYS B 137 16.48 16.96 -1.97
C LYS B 137 16.79 18.30 -1.32
N THR B 138 15.98 18.68 -0.33
CA THR B 138 16.38 19.77 0.55
C THR B 138 17.62 19.38 1.34
N ARG B 139 18.50 20.34 1.58
CA ARG B 139 19.77 20.04 2.25
C ARG B 139 19.57 19.53 3.67
N GLU B 140 18.44 19.85 4.31
CA GLU B 140 18.18 19.31 5.64
C GLU B 140 17.93 17.81 5.60
N GLY B 141 17.78 17.22 4.42
CA GLY B 141 17.54 15.80 4.24
C GLY B 141 16.09 15.39 4.13
N ASN B 142 15.27 15.81 5.09
CA ASN B 142 13.87 15.44 5.07
C ASN B 142 13.14 16.13 3.91
N VAL B 143 12.00 15.57 3.54
CA VAL B 143 11.21 16.06 2.41
C VAL B 143 10.25 17.12 2.94
N ARG B 144 10.60 18.39 2.77
CA ARG B 144 9.76 19.49 3.20
C ARG B 144 8.89 20.00 2.05
N VAL B 145 7.70 20.47 2.41
CA VAL B 145 6.78 21.04 1.42
C VAL B 145 7.39 22.35 0.92
N SER B 146 7.77 22.39 -0.36
CA SER B 146 8.35 23.62 -0.89
C SER B 146 7.29 24.67 -1.14
N ARG B 147 6.10 24.28 -1.57
CA ARG B 147 4.99 25.21 -1.73
C ARG B 147 3.69 24.44 -1.71
N GLU B 148 2.64 25.12 -1.26
CA GLU B 148 1.26 24.61 -1.33
C GLU B 148 0.47 25.53 -2.24
N LEU B 149 -0.03 24.98 -3.34
CA LEU B 149 -0.71 25.77 -4.36
C LEU B 149 -2.21 25.79 -4.07
N ALA B 150 -2.58 26.60 -3.09
CA ALA B 150 -3.98 26.89 -2.84
C ALA B 150 -4.51 27.81 -3.92
N GLY B 151 -5.80 27.69 -4.21
CA GLY B 151 -6.45 28.58 -5.16
C GLY B 151 -7.53 27.93 -6.01
N HIS B 152 -7.51 26.60 -6.14
CA HIS B 152 -8.66 25.92 -6.71
C HIS B 152 -9.84 25.94 -5.74
N THR B 153 -11.04 26.14 -6.29
CA THR B 153 -12.27 26.07 -5.54
C THR B 153 -12.84 24.65 -5.50
N GLY B 154 -11.99 23.65 -5.66
CA GLY B 154 -12.42 22.25 -5.68
C GLY B 154 -11.21 21.36 -5.63
N TYR B 155 -11.47 20.05 -5.52
CA TYR B 155 -10.39 19.10 -5.38
C TYR B 155 -9.45 19.19 -6.58
N LEU B 156 -8.14 19.16 -6.31
CA LEU B 156 -7.14 19.14 -7.37
C LEU B 156 -7.08 17.72 -7.92
N SER B 157 -7.51 17.55 -9.17
CA SER B 157 -7.73 16.22 -9.72
C SER B 157 -6.49 15.63 -10.37
N CYS B 158 -5.66 16.45 -11.03
CA CYS B 158 -4.41 15.95 -11.58
C CYS B 158 -3.36 17.04 -11.54
N CYS B 159 -2.09 16.62 -11.41
CA CYS B 159 -0.95 17.52 -11.37
C CYS B 159 0.12 17.00 -12.31
N ARG B 160 0.78 17.91 -13.03
CA ARG B 160 1.86 17.53 -13.93
C ARG B 160 2.86 18.67 -13.99
N PHE B 161 4.13 18.37 -13.71
CA PHE B 161 5.18 19.36 -13.87
C PHE B 161 5.54 19.56 -15.34
N LEU B 162 5.80 20.81 -15.69
CA LEU B 162 6.56 21.11 -16.91
C LEU B 162 8.05 21.15 -16.61
N ASP B 163 8.42 21.72 -15.47
CA ASP B 163 9.78 21.69 -14.94
C ASP B 163 9.69 21.91 -13.43
N ASP B 164 10.83 22.19 -12.81
CA ASP B 164 10.86 22.34 -11.36
C ASP B 164 10.01 23.52 -10.87
N ASN B 165 9.76 24.51 -11.72
CA ASN B 165 9.00 25.69 -11.33
C ASN B 165 7.57 25.66 -11.87
N GLN B 166 7.42 25.53 -13.18
CA GLN B 166 6.09 25.53 -13.79
C GLN B 166 5.40 24.19 -13.54
N ILE B 167 4.11 24.25 -13.20
CA ILE B 167 3.32 23.06 -12.97
C ILE B 167 1.88 23.36 -13.39
N VAL B 168 1.25 22.41 -14.05
CA VAL B 168 -0.14 22.54 -14.48
C VAL B 168 -0.99 21.65 -13.58
N THR B 169 -2.22 22.08 -13.32
CA THR B 169 -3.12 21.35 -12.46
C THR B 169 -4.48 21.26 -13.09
N SER B 170 -5.22 20.21 -12.73
CA SER B 170 -6.62 20.06 -13.11
C SER B 170 -7.40 19.74 -11.85
N SER B 171 -8.57 20.36 -11.71
CA SER B 171 -9.28 20.39 -10.44
C SER B 171 -10.75 20.16 -10.66
N GLY B 172 -11.44 19.76 -9.59
CA GLY B 172 -12.85 19.48 -9.68
C GLY B 172 -13.67 20.67 -10.12
N ASP B 173 -13.21 21.89 -9.85
CA ASP B 173 -13.98 23.09 -10.21
C ASP B 173 -13.79 23.50 -11.65
N THR B 174 -13.94 22.56 -12.58
CA THR B 174 -14.09 22.86 -14.00
C THR B 174 -12.95 23.72 -14.55
N THR B 175 -11.72 23.50 -14.10
CA THR B 175 -10.63 24.35 -14.57
C THR B 175 -9.30 23.64 -14.44
N CYS B 176 -8.36 24.06 -15.28
CA CYS B 176 -6.95 23.70 -15.19
C CYS B 176 -6.13 24.97 -15.08
N ALA B 177 -5.06 24.92 -14.27
CA ALA B 177 -4.31 26.12 -13.95
C ALA B 177 -2.82 25.86 -13.96
N LEU B 178 -2.07 26.84 -14.47
CA LEU B 178 -0.62 26.80 -14.52
C LEU B 178 -0.04 27.71 -13.44
N TRP B 179 0.90 27.17 -12.66
CA TRP B 179 1.45 27.86 -11.50
C TRP B 179 2.95 28.06 -11.66
N ASP B 180 3.49 28.90 -10.79
CA ASP B 180 4.94 28.99 -10.54
C ASP B 180 5.19 28.33 -9.19
N ILE B 181 5.62 27.06 -9.22
CA ILE B 181 5.87 26.34 -7.98
C ILE B 181 6.91 27.04 -7.11
N GLU B 182 7.67 27.97 -7.68
CA GLU B 182 8.66 28.69 -6.88
C GLU B 182 8.00 29.74 -5.99
N THR B 183 6.96 30.41 -6.49
CA THR B 183 6.34 31.52 -5.77
C THR B 183 4.88 31.29 -5.43
N GLY B 184 4.18 30.39 -6.13
CA GLY B 184 2.85 29.96 -5.76
C GLY B 184 1.71 30.64 -6.47
N GLN B 185 1.99 31.57 -7.38
CA GLN B 185 0.90 32.24 -8.10
C GLN B 185 0.30 31.28 -9.13
N GLN B 186 -0.98 31.48 -9.42
CA GLN B 186 -1.57 30.89 -10.63
C GLN B 186 -1.08 31.69 -11.83
N THR B 187 0.03 31.26 -12.44
CA THR B 187 0.58 32.03 -13.55
C THR B 187 -0.45 32.21 -14.65
N THR B 188 -1.18 31.16 -14.96
CA THR B 188 -2.26 31.21 -15.94
C THR B 188 -3.26 30.13 -15.58
N THR B 189 -4.53 30.38 -15.88
CA THR B 189 -5.60 29.46 -15.56
C THR B 189 -6.42 29.17 -16.80
N PHE B 190 -6.78 27.90 -16.98
CA PHE B 190 -7.47 27.42 -18.16
C PHE B 190 -8.91 27.13 -17.79
N THR B 191 -9.84 27.72 -18.52
CA THR B 191 -11.26 27.57 -18.27
C THR B 191 -11.95 27.22 -19.58
N GLY B 192 -13.07 26.52 -19.48
CA GLY B 192 -13.83 26.13 -20.66
C GLY B 192 -14.49 24.78 -20.49
N HIS B 193 -14.05 24.01 -19.51
CA HIS B 193 -14.79 22.81 -19.14
C HIS B 193 -16.13 23.19 -18.51
N THR B 194 -17.14 22.36 -18.78
CA THR B 194 -18.44 22.47 -18.14
C THR B 194 -18.63 21.41 -17.06
N GLY B 195 -17.58 20.66 -16.73
CA GLY B 195 -17.65 19.61 -15.74
C GLY B 195 -16.31 19.46 -15.06
N ASP B 196 -16.21 18.46 -14.20
CA ASP B 196 -14.97 18.20 -13.46
C ASP B 196 -13.87 17.76 -14.41
N VAL B 197 -12.71 18.44 -14.35
CA VAL B 197 -11.57 18.07 -15.17
C VAL B 197 -10.75 17.03 -14.44
N MET B 198 -11.12 15.76 -14.62
CA MET B 198 -10.56 14.66 -13.84
C MET B 198 -9.22 14.12 -14.36
N SER B 199 -8.75 14.58 -15.52
CA SER B 199 -7.58 13.97 -16.15
C SER B 199 -6.72 15.03 -16.81
N LEU B 200 -5.45 14.68 -17.02
CA LEU B 200 -4.45 15.64 -17.48
C LEU B 200 -3.26 14.89 -18.06
N SER B 201 -2.76 15.36 -19.20
CA SER B 201 -1.52 14.83 -19.75
C SER B 201 -0.82 15.92 -20.56
N LEU B 202 0.45 16.17 -20.23
CA LEU B 202 1.24 17.15 -20.96
C LEU B 202 1.99 16.48 -22.11
N ALA B 203 2.14 17.21 -23.21
CA ALA B 203 2.79 16.65 -24.38
C ALA B 203 4.23 16.30 -24.04
N PRO B 204 4.84 15.38 -24.79
CA PRO B 204 6.21 14.97 -24.47
C PRO B 204 7.20 16.12 -24.47
N ASP B 205 6.96 17.16 -25.27
CA ASP B 205 7.77 18.37 -25.22
C ASP B 205 7.23 19.42 -24.25
N THR B 206 6.09 19.16 -23.63
CA THR B 206 5.52 20.00 -22.58
C THR B 206 5.12 21.38 -23.08
N ARG B 207 5.00 21.56 -24.40
CA ARG B 207 4.56 22.84 -24.95
C ARG B 207 3.04 23.00 -24.95
N LEU B 208 2.29 21.92 -24.82
CA LEU B 208 0.84 22.00 -24.68
C LEU B 208 0.36 20.69 -24.08
N PHE B 209 -0.88 20.72 -23.57
CA PHE B 209 -1.43 19.58 -22.85
C PHE B 209 -2.93 19.47 -23.12
N VAL B 210 -3.46 18.27 -22.87
CA VAL B 210 -4.87 17.96 -23.04
C VAL B 210 -5.42 17.47 -21.72
N SER B 211 -6.66 17.82 -21.42
CA SER B 211 -7.31 17.43 -20.17
C SER B 211 -8.69 16.87 -20.46
N GLY B 212 -9.01 15.73 -19.86
CA GLY B 212 -10.30 15.10 -20.02
C GLY B 212 -11.20 15.44 -18.83
N ALA B 213 -12.41 15.89 -19.14
CA ALA B 213 -13.34 16.39 -18.14
C ALA B 213 -14.60 15.54 -18.15
N CYS B 214 -15.25 15.49 -16.99
CA CYS B 214 -16.48 14.72 -16.86
C CYS B 214 -17.64 15.30 -17.65
N ASP B 215 -17.43 16.37 -18.41
CA ASP B 215 -18.42 16.81 -19.38
C ASP B 215 -18.38 15.98 -20.66
N ALA B 216 -17.72 14.82 -20.62
CA ALA B 216 -17.65 13.91 -21.76
C ALA B 216 -16.91 14.54 -22.93
N SER B 217 -15.84 15.27 -22.62
CA SER B 217 -14.99 15.84 -23.65
C SER B 217 -13.59 16.04 -23.10
N ALA B 218 -12.63 16.08 -24.03
CA ALA B 218 -11.25 16.39 -23.73
C ALA B 218 -10.85 17.62 -24.54
N LYS B 219 -9.99 18.46 -23.95
CA LYS B 219 -9.73 19.78 -24.49
C LYS B 219 -8.22 20.02 -24.52
N LEU B 220 -7.77 20.71 -25.57
CA LEU B 220 -6.35 20.95 -25.79
C LEU B 220 -6.01 22.40 -25.41
N TRP B 221 -4.99 22.55 -24.56
CA TRP B 221 -4.61 23.84 -24.01
C TRP B 221 -3.17 24.17 -24.39
N ASP B 222 -2.92 25.43 -24.70
CA ASP B 222 -1.56 25.92 -24.89
C ASP B 222 -1.07 26.56 -23.60
N VAL B 223 0.03 26.03 -23.06
CA VAL B 223 0.52 26.51 -21.77
C VAL B 223 0.96 27.97 -21.84
N ARG B 224 1.41 28.43 -22.99
CA ARG B 224 1.87 29.81 -23.12
C ARG B 224 0.75 30.77 -23.49
N GLU B 225 -0.11 30.38 -24.44
CA GLU B 225 -1.17 31.26 -24.91
C GLU B 225 -2.46 31.13 -24.11
N GLY B 226 -2.68 30.01 -23.43
CA GLY B 226 -3.93 29.79 -22.73
C GLY B 226 -5.10 29.43 -23.61
N MET B 227 -4.95 29.52 -24.93
CA MET B 227 -6.06 29.24 -25.84
C MET B 227 -6.40 27.76 -25.86
N CYS B 228 -7.70 27.49 -26.00
CA CYS B 228 -8.23 26.13 -26.08
C CYS B 228 -8.52 25.75 -27.53
N ARG B 229 -7.46 25.58 -28.32
CA ARG B 229 -7.58 25.60 -29.78
C ARG B 229 -8.20 24.34 -30.37
N GLN B 230 -8.26 23.22 -29.64
CA GLN B 230 -8.95 22.01 -30.09
C GLN B 230 -9.75 21.41 -28.95
N THR B 231 -10.85 20.75 -29.31
CA THR B 231 -11.71 20.03 -28.38
C THR B 231 -12.16 18.74 -29.01
N PHE B 232 -12.21 17.67 -28.21
CA PHE B 232 -12.53 16.33 -28.68
C PHE B 232 -13.73 15.81 -27.90
N THR B 233 -14.69 15.20 -28.59
CA THR B 233 -16.01 14.92 -28.01
C THR B 233 -16.50 13.53 -28.41
N GLY B 234 -15.63 12.52 -28.34
CA GLY B 234 -16.02 11.18 -28.76
C GLY B 234 -16.87 10.41 -27.77
N HIS B 235 -16.68 10.64 -26.47
CA HIS B 235 -17.26 9.77 -25.46
C HIS B 235 -18.69 10.17 -25.12
N GLU B 236 -19.34 9.31 -24.33
CA GLU B 236 -20.63 9.58 -23.72
C GLU B 236 -20.58 9.35 -22.21
N SER B 237 -19.45 9.62 -21.58
CA SER B 237 -19.27 9.38 -20.16
C SER B 237 -18.09 10.21 -19.67
N ASP B 238 -17.80 10.10 -18.38
CA ASP B 238 -16.65 10.77 -17.80
C ASP B 238 -15.36 10.20 -18.36
N ILE B 239 -14.47 11.08 -18.81
CA ILE B 239 -13.18 10.67 -19.34
C ILE B 239 -12.20 10.54 -18.19
N ASN B 240 -12.15 9.37 -17.57
CA ASN B 240 -11.34 9.18 -16.38
C ASN B 240 -9.85 9.28 -16.67
N ALA B 241 -9.42 9.14 -17.92
CA ALA B 241 -8.00 9.06 -18.23
C ALA B 241 -7.72 9.68 -19.59
N ILE B 242 -6.49 10.17 -19.74
CA ILE B 242 -6.04 10.77 -20.98
C ILE B 242 -4.53 10.61 -21.05
N CYS B 243 -4.01 10.46 -22.28
CA CYS B 243 -2.58 10.20 -22.45
C CYS B 243 -2.13 10.45 -23.89
N PHE B 244 -1.12 11.30 -24.06
CA PHE B 244 -0.56 11.53 -25.38
C PHE B 244 0.10 10.27 -25.95
N PHE B 245 -0.13 10.07 -27.24
CA PHE B 245 0.65 9.14 -28.02
C PHE B 245 2.11 9.59 -28.03
N PRO B 246 3.07 8.67 -27.96
CA PRO B 246 4.46 9.09 -27.67
C PRO B 246 5.01 10.08 -28.68
N ASN B 247 4.42 10.20 -29.85
CA ASN B 247 4.84 11.20 -30.82
C ASN B 247 4.28 12.58 -30.52
N GLY B 248 3.37 12.70 -29.56
CA GLY B 248 2.78 13.98 -29.21
C GLY B 248 1.72 14.50 -30.15
N ASN B 249 1.43 13.80 -31.24
CA ASN B 249 0.41 14.21 -32.20
C ASN B 249 -0.87 13.40 -32.10
N ALA B 250 -0.99 12.53 -31.09
CA ALA B 250 -2.23 11.83 -30.81
C ALA B 250 -2.28 11.53 -29.32
N PHE B 251 -3.48 11.25 -28.82
CA PHE B 251 -3.64 10.93 -27.41
C PHE B 251 -4.81 9.96 -27.23
N ALA B 252 -4.70 9.11 -26.22
CA ALA B 252 -5.75 8.15 -25.90
C ALA B 252 -6.62 8.72 -24.79
N THR B 253 -7.93 8.70 -25.02
CA THR B 253 -8.90 9.08 -23.99
C THR B 253 -9.56 7.83 -23.44
N GLY B 254 -9.56 7.70 -22.13
CA GLY B 254 -10.19 6.58 -21.46
C GLY B 254 -11.36 7.03 -20.63
N SER B 255 -12.50 6.38 -20.80
CA SER B 255 -13.75 6.86 -20.23
C SER B 255 -14.42 5.78 -19.42
N ASP B 256 -15.34 6.20 -18.56
CA ASP B 256 -16.19 5.27 -17.84
C ASP B 256 -17.14 4.52 -18.76
N ASP B 257 -17.27 4.95 -20.01
CA ASP B 257 -18.12 4.30 -21.00
C ASP B 257 -17.51 3.03 -21.55
N ALA B 258 -16.49 2.50 -20.91
CA ALA B 258 -15.86 1.22 -21.26
C ALA B 258 -15.12 1.26 -22.58
N THR B 259 -14.91 2.44 -23.17
CA THR B 259 -14.24 2.56 -24.45
C THR B 259 -13.04 3.50 -24.35
N CYS B 260 -11.87 3.01 -24.72
CA CYS B 260 -10.73 3.87 -25.01
C CYS B 260 -10.82 4.35 -26.45
N ARG B 261 -10.36 5.58 -26.68
CA ARG B 261 -10.49 6.18 -28.00
C ARG B 261 -9.23 6.93 -28.36
N LEU B 262 -8.73 6.66 -29.57
CA LEU B 262 -7.46 7.20 -30.05
C LEU B 262 -7.76 8.43 -30.90
N PHE B 263 -7.56 9.60 -30.33
CA PHE B 263 -7.72 10.86 -31.05
C PHE B 263 -6.42 11.29 -31.70
N ASP B 264 -6.53 12.10 -32.73
CA ASP B 264 -5.38 12.63 -33.46
C ASP B 264 -5.44 14.15 -33.44
N LEU B 265 -4.33 14.78 -33.04
CA LEU B 265 -4.30 16.23 -32.98
C LEU B 265 -4.56 16.85 -34.34
N ARG B 266 -3.81 16.41 -35.35
CA ARG B 266 -3.93 17.01 -36.68
C ARG B 266 -5.20 16.55 -37.39
N ALA B 267 -5.65 15.33 -37.12
CA ALA B 267 -6.93 14.87 -37.68
C ALA B 267 -8.12 15.55 -37.01
N ASP B 268 -7.95 16.02 -35.78
CA ASP B 268 -8.94 16.84 -35.08
C ASP B 268 -10.16 16.04 -34.61
N GLN B 269 -10.08 14.72 -34.57
CA GLN B 269 -11.10 13.84 -33.96
C GLN B 269 -10.59 12.40 -34.00
N GLU B 270 -11.39 11.49 -33.44
CA GLU B 270 -10.95 10.12 -33.21
C GLU B 270 -10.49 9.46 -34.49
N LEU B 271 -9.33 8.82 -34.43
CA LEU B 271 -8.91 7.93 -35.51
C LEU B 271 -9.60 6.58 -35.39
N MET B 272 -9.62 6.02 -34.18
CA MET B 272 -10.21 4.71 -33.95
C MET B 272 -10.71 4.66 -32.52
N THR B 273 -11.81 3.92 -32.32
CA THR B 273 -12.42 3.75 -31.01
C THR B 273 -12.30 2.30 -30.58
N TYR B 274 -11.77 2.08 -29.39
CA TYR B 274 -11.54 0.75 -28.87
C TYR B 274 -12.71 0.32 -28.00
N SER B 275 -13.21 -0.88 -28.25
CA SER B 275 -14.28 -1.44 -27.44
C SER B 275 -14.41 -2.93 -27.72
N HIS B 276 -14.82 -3.67 -26.70
CA HIS B 276 -15.27 -5.05 -26.87
C HIS B 276 -16.35 -5.30 -25.84
N ASP B 277 -17.41 -5.98 -26.26
CA ASP B 277 -18.63 -6.02 -25.47
C ASP B 277 -18.56 -6.96 -24.26
N ASN B 278 -17.51 -7.78 -24.15
CA ASN B 278 -17.32 -8.56 -22.93
C ASN B 278 -16.97 -7.64 -21.76
N ILE B 279 -16.53 -6.42 -22.05
CA ILE B 279 -16.14 -5.45 -21.05
C ILE B 279 -17.30 -4.48 -20.84
N ILE B 280 -17.69 -4.29 -19.58
CA ILE B 280 -18.69 -3.29 -19.24
C ILE B 280 -18.18 -2.29 -18.20
N CYS B 281 -17.06 -2.57 -17.54
CA CYS B 281 -16.48 -1.64 -16.57
C CYS B 281 -15.93 -0.40 -17.26
N GLY B 282 -15.80 0.66 -16.48
CA GLY B 282 -15.23 1.89 -17.01
C GLY B 282 -13.71 1.88 -16.98
N ILE B 283 -13.12 2.65 -17.89
CA ILE B 283 -11.67 2.80 -17.95
C ILE B 283 -11.22 3.74 -16.84
N THR B 284 -10.18 3.33 -16.11
CA THR B 284 -9.58 4.15 -15.06
C THR B 284 -8.24 4.76 -15.47
N SER B 285 -7.63 4.27 -16.54
CA SER B 285 -6.30 4.74 -16.95
C SER B 285 -6.09 4.41 -18.42
N VAL B 286 -5.13 5.12 -19.01
CA VAL B 286 -4.67 4.86 -20.37
C VAL B 286 -3.17 5.10 -20.42
N SER B 287 -2.45 4.24 -21.14
CA SER B 287 -0.99 4.32 -21.16
C SER B 287 -0.46 3.63 -22.41
N PHE B 288 0.13 4.39 -23.32
CA PHE B 288 0.82 3.80 -24.46
C PHE B 288 2.16 3.22 -24.05
N SER B 289 2.57 2.19 -24.78
CA SER B 289 3.95 1.74 -24.73
C SER B 289 4.80 2.57 -25.69
N LYS B 290 6.12 2.54 -25.47
CA LYS B 290 6.99 3.53 -26.08
C LYS B 290 6.86 3.56 -27.60
N SER B 291 6.65 2.40 -28.22
CA SER B 291 6.52 2.38 -29.67
C SER B 291 5.23 3.04 -30.15
N GLY B 292 4.23 3.16 -29.29
CA GLY B 292 2.93 3.62 -29.71
C GLY B 292 2.05 2.52 -30.29
N ARG B 293 2.49 1.27 -30.22
CA ARG B 293 1.77 0.14 -30.77
C ARG B 293 0.87 -0.54 -29.76
N LEU B 294 1.08 -0.28 -28.47
CA LEU B 294 0.31 -0.90 -27.40
C LEU B 294 -0.35 0.19 -26.57
N LEU B 295 -1.55 -0.10 -26.07
CA LEU B 295 -2.29 0.83 -25.21
C LEU B 295 -2.76 0.03 -23.99
N LEU B 296 -1.99 0.11 -22.91
CA LEU B 296 -2.29 -0.66 -21.68
C LEU B 296 -3.34 0.10 -20.85
N ALA B 297 -4.58 0.05 -21.33
CA ALA B 297 -5.69 0.69 -20.65
C ALA B 297 -6.12 -0.11 -19.41
N GLY B 298 -6.41 0.60 -18.33
CA GLY B 298 -6.87 -0.01 -17.09
C GLY B 298 -8.38 0.06 -16.97
N TYR B 299 -8.96 -0.97 -16.35
CA TYR B 299 -10.41 -1.08 -16.18
C TYR B 299 -10.76 -1.31 -14.72
N ASP B 300 -11.98 -0.91 -14.35
CA ASP B 300 -12.52 -1.15 -13.03
C ASP B 300 -12.82 -2.62 -12.76
N ASP B 301 -12.79 -3.47 -13.79
CA ASP B 301 -13.05 -4.89 -13.65
C ASP B 301 -11.91 -5.65 -12.97
N PHE B 302 -10.93 -4.91 -12.46
CA PHE B 302 -9.74 -5.40 -11.75
C PHE B 302 -8.65 -5.82 -12.72
N ASN B 303 -8.81 -5.57 -14.02
CA ASN B 303 -7.85 -6.02 -15.02
C ASN B 303 -7.54 -4.88 -15.98
N CYS B 304 -6.30 -4.90 -16.49
CA CYS B 304 -5.85 -4.01 -17.54
C CYS B 304 -5.68 -4.82 -18.82
N ASN B 305 -6.18 -4.29 -19.93
CA ASN B 305 -6.19 -4.99 -21.21
C ASN B 305 -5.26 -4.28 -22.18
N VAL B 306 -4.27 -5.01 -22.70
CA VAL B 306 -3.25 -4.45 -23.58
C VAL B 306 -3.82 -4.41 -25.00
N TRP B 307 -4.31 -3.25 -25.42
CA TRP B 307 -4.86 -3.11 -26.76
C TRP B 307 -3.76 -2.89 -27.79
N ASP B 308 -3.88 -3.58 -28.91
CA ASP B 308 -3.09 -3.26 -30.10
C ASP B 308 -3.55 -1.89 -30.60
N ALA B 309 -2.74 -0.86 -30.40
CA ALA B 309 -3.19 0.50 -30.63
C ALA B 309 -3.53 0.78 -32.08
N LEU B 310 -3.03 -0.03 -33.02
CA LEU B 310 -3.30 0.22 -34.43
C LEU B 310 -4.49 -0.62 -34.92
N LYS B 311 -4.39 -1.95 -34.81
CA LYS B 311 -5.47 -2.82 -35.24
C LYS B 311 -6.64 -2.86 -34.25
N ALA B 312 -6.53 -2.14 -33.14
CA ALA B 312 -7.65 -1.97 -32.21
C ALA B 312 -8.13 -3.29 -31.63
N ASP B 313 -7.23 -4.26 -31.48
CA ASP B 313 -7.55 -5.59 -31.00
C ASP B 313 -6.95 -5.82 -29.63
N ARG B 314 -7.77 -6.22 -28.67
CA ARG B 314 -7.26 -6.63 -27.37
C ARG B 314 -6.25 -7.76 -27.57
N ALA B 315 -5.01 -7.53 -27.13
CA ALA B 315 -3.91 -8.43 -27.45
C ALA B 315 -3.30 -9.05 -26.20
N GLY B 316 -3.96 -8.94 -25.06
CA GLY B 316 -3.43 -9.46 -23.82
C GLY B 316 -3.99 -8.70 -22.64
N VAL B 317 -3.93 -9.34 -21.48
CA VAL B 317 -4.54 -8.82 -20.27
C VAL B 317 -3.57 -8.94 -19.10
N LEU B 318 -3.43 -7.86 -18.35
CA LEU B 318 -2.61 -7.85 -17.14
C LEU B 318 -3.45 -8.13 -15.90
N ALA B 319 -4.21 -9.21 -15.94
CA ALA B 319 -5.05 -9.61 -14.82
C ALA B 319 -4.18 -10.03 -13.65
N GLY B 320 -4.68 -9.80 -12.43
CA GLY B 320 -3.95 -10.16 -11.24
C GLY B 320 -4.22 -9.27 -10.04
N HIS B 321 -4.75 -8.08 -10.27
CA HIS B 321 -5.21 -7.27 -9.14
C HIS B 321 -6.53 -7.80 -8.60
N ASP B 322 -6.72 -7.62 -7.30
CA ASP B 322 -7.95 -8.02 -6.63
C ASP B 322 -8.99 -6.91 -6.55
N ASN B 323 -8.66 -5.71 -7.04
CA ASN B 323 -9.61 -4.60 -7.01
C ASN B 323 -9.25 -3.64 -8.14
N ARG B 324 -10.15 -2.68 -8.36
CA ARG B 324 -10.00 -1.77 -9.50
C ARG B 324 -8.59 -1.18 -9.57
N VAL B 325 -8.07 -1.07 -10.78
CA VAL B 325 -6.77 -0.44 -11.02
C VAL B 325 -7.00 1.06 -11.20
N SER B 326 -6.32 1.86 -10.36
CA SER B 326 -6.53 3.30 -10.38
C SER B 326 -5.61 4.00 -11.37
N CYS B 327 -4.44 3.43 -11.65
CA CYS B 327 -3.44 4.11 -12.45
C CYS B 327 -2.58 3.08 -13.18
N LEU B 328 -2.04 3.49 -14.32
CA LEU B 328 -1.12 2.68 -15.11
C LEU B 328 -0.13 3.62 -15.78
N GLY B 329 1.13 3.22 -15.83
CA GLY B 329 2.14 4.05 -16.44
C GLY B 329 3.33 3.28 -17.00
N VAL B 330 3.65 3.50 -18.28
CA VAL B 330 4.82 2.90 -18.88
C VAL B 330 6.04 3.72 -18.54
N THR B 331 7.16 3.05 -18.26
CA THR B 331 8.40 3.77 -17.98
C THR B 331 8.78 4.64 -19.18
N ASP B 332 9.41 5.77 -18.89
CA ASP B 332 9.74 6.71 -19.97
C ASP B 332 10.63 6.07 -21.02
N ASP B 333 11.42 5.06 -20.65
CA ASP B 333 12.21 4.33 -21.64
C ASP B 333 11.43 3.19 -22.30
N GLY B 334 10.22 2.89 -21.82
CA GLY B 334 9.42 1.83 -22.38
C GLY B 334 9.70 0.44 -21.86
N MET B 335 10.59 0.30 -20.87
CA MET B 335 10.95 -1.02 -20.36
C MET B 335 9.75 -1.73 -19.75
N ALA B 336 9.01 -1.06 -18.89
CA ALA B 336 7.98 -1.70 -18.08
C ALA B 336 6.75 -0.81 -17.96
N VAL B 337 5.64 -1.43 -17.59
CA VAL B 337 4.38 -0.75 -17.30
C VAL B 337 3.97 -1.13 -15.88
N ALA B 338 3.73 -0.13 -15.05
CA ALA B 338 3.30 -0.35 -13.68
C ALA B 338 1.86 0.11 -13.50
N THR B 339 1.05 -0.70 -12.82
CA THR B 339 -0.34 -0.41 -12.57
C THR B 339 -0.60 -0.46 -11.07
N GLY B 340 -1.39 0.49 -10.58
CA GLY B 340 -1.75 0.54 -9.18
C GLY B 340 -3.25 0.32 -9.03
N SER B 341 -3.65 -0.22 -7.88
CA SER B 341 -5.01 -0.69 -7.71
C SER B 341 -5.51 -0.43 -6.30
N TRP B 342 -6.83 -0.37 -6.17
CA TRP B 342 -7.47 -0.30 -4.88
C TRP B 342 -7.15 -1.51 -4.00
N ASP B 343 -6.52 -2.53 -4.54
CA ASP B 343 -6.06 -3.62 -3.68
C ASP B 343 -4.84 -3.22 -2.85
N SER B 344 -4.34 -2.00 -3.01
CA SER B 344 -3.23 -1.43 -2.24
C SER B 344 -1.87 -1.88 -2.72
N PHE B 345 -1.78 -2.61 -3.83
CA PHE B 345 -0.52 -3.06 -4.39
C PHE B 345 -0.22 -2.37 -5.72
N LEU B 346 1.06 -2.09 -5.93
CA LEU B 346 1.58 -1.68 -7.23
C LEU B 346 2.28 -2.87 -7.85
N LYS B 347 1.92 -3.20 -9.10
CA LYS B 347 2.51 -4.31 -9.83
C LYS B 347 3.35 -3.77 -10.97
N ILE B 348 4.54 -4.33 -11.14
CA ILE B 348 5.43 -3.98 -12.24
C ILE B 348 5.35 -5.09 -13.29
N TRP B 349 4.85 -4.76 -14.47
CA TRP B 349 4.57 -5.73 -15.51
C TRP B 349 5.62 -5.62 -16.61
N ASN B 350 6.11 -6.76 -17.06
CA ASN B 350 7.09 -6.80 -18.12
C ASN B 350 6.94 -8.09 -18.93
N TRP C 74 -6.59 -56.41 6.79
CA TRP C 74 -7.46 -56.43 8.00
C TRP C 74 -8.94 -56.48 7.63
N ASN C 75 -9.73 -57.23 8.39
CA ASN C 75 -11.15 -57.40 8.11
C ASN C 75 -12.02 -57.15 9.33
N GLU C 76 -11.47 -56.60 10.40
CA GLU C 76 -12.28 -56.27 11.57
C GLU C 76 -13.24 -55.14 11.22
N PRO C 77 -14.52 -55.25 11.60
CA PRO C 77 -15.50 -54.20 11.25
C PRO C 77 -14.99 -52.82 11.61
N PRO C 78 -14.47 -52.62 12.83
CA PRO C 78 -14.20 -51.25 13.25
C PRO C 78 -13.09 -50.62 12.44
N VAL C 79 -12.03 -51.37 12.16
CA VAL C 79 -10.91 -50.80 11.41
C VAL C 79 -11.28 -50.61 9.94
N ILE C 80 -12.08 -51.53 9.38
CA ILE C 80 -12.45 -51.40 7.98
C ILE C 80 -13.40 -50.23 7.77
N LEU C 81 -14.15 -49.83 8.81
CA LEU C 81 -14.83 -48.54 8.76
C LEU C 81 -13.83 -47.40 8.89
N SER C 82 -12.91 -47.52 9.86
CA SER C 82 -11.98 -46.45 10.18
C SER C 82 -11.16 -46.05 8.97
N MET C 83 -10.64 -47.02 8.22
CA MET C 83 -9.82 -46.68 7.07
C MET C 83 -10.61 -45.89 6.04
N VAL C 84 -11.87 -46.29 5.81
CA VAL C 84 -12.69 -45.56 4.83
C VAL C 84 -12.88 -44.12 5.28
N ILE C 85 -13.29 -43.93 6.53
CA ILE C 85 -13.58 -42.56 6.98
C ILE C 85 -12.31 -41.73 6.99
N LEU C 86 -11.17 -42.33 7.34
CA LEU C 86 -10.02 -41.39 7.36
C LEU C 86 -9.54 -41.14 5.94
N SER C 87 -9.42 -42.18 5.10
CA SER C 87 -9.01 -41.88 3.74
C SER C 87 -9.90 -40.81 3.13
N LEU C 88 -11.20 -40.86 3.41
CA LEU C 88 -12.06 -39.74 3.05
C LEU C 88 -11.53 -38.45 3.69
N THR C 89 -11.32 -38.46 5.00
CA THR C 89 -10.83 -37.28 5.67
C THR C 89 -9.66 -36.69 4.92
N PHE C 90 -8.77 -37.55 4.42
CA PHE C 90 -7.66 -37.07 3.60
C PHE C 90 -8.16 -36.43 2.32
N LEU C 91 -9.06 -37.13 1.59
CA LEU C 91 -9.51 -36.61 0.29
C LEU C 91 -10.19 -35.25 0.43
N LEU C 92 -11.04 -35.08 1.43
CA LEU C 92 -11.68 -33.78 1.65
C LEU C 92 -10.69 -32.75 2.18
N GLY C 93 -9.83 -33.13 3.12
CA GLY C 93 -9.01 -32.14 3.80
C GLY C 93 -7.86 -31.60 2.98
N LEU C 94 -7.08 -32.48 2.36
CA LEU C 94 -5.89 -31.99 1.65
C LEU C 94 -6.26 -30.96 0.59
N PRO C 95 -7.22 -31.19 -0.29
CA PRO C 95 -7.66 -30.09 -1.17
C PRO C 95 -8.27 -28.95 -0.40
N GLY C 96 -9.04 -29.24 0.65
CA GLY C 96 -9.66 -28.19 1.44
C GLY C 96 -8.64 -27.29 2.12
N ASN C 97 -7.76 -27.89 2.92
CA ASN C 97 -6.76 -27.08 3.62
C ASN C 97 -5.75 -26.48 2.66
N GLY C 98 -5.43 -27.17 1.56
CA GLY C 98 -4.56 -26.58 0.57
C GLY C 98 -5.17 -25.33 -0.06
N LEU C 99 -6.43 -25.43 -0.47
CA LEU C 99 -7.14 -24.29 -1.01
C LEU C 99 -7.18 -23.14 -0.02
N VAL C 100 -7.51 -23.44 1.24
CA VAL C 100 -7.67 -22.37 2.22
C VAL C 100 -6.32 -21.75 2.57
N LEU C 101 -5.27 -22.57 2.70
CA LEU C 101 -3.95 -22.00 2.96
C LEU C 101 -3.52 -21.12 1.80
N TRP C 102 -3.70 -21.61 0.57
CA TRP C 102 -3.40 -20.79 -0.60
C TRP C 102 -4.11 -19.46 -0.51
N VAL C 103 -5.44 -19.49 -0.32
CA VAL C 103 -6.23 -18.26 -0.35
C VAL C 103 -5.78 -17.32 0.75
N ALA C 104 -5.71 -17.83 1.98
CA ALA C 104 -5.53 -16.97 3.14
C ALA C 104 -4.11 -16.47 3.29
N GLY C 105 -3.12 -17.25 2.86
CA GLY C 105 -1.74 -16.87 3.04
C GLY C 105 -1.12 -16.15 1.86
N LEU C 106 -1.67 -16.33 0.65
CA LEU C 106 -1.09 -15.65 -0.50
C LEU C 106 -2.13 -14.80 -1.23
N LYS C 107 -3.35 -15.32 -1.34
CA LYS C 107 -4.37 -14.66 -2.15
C LYS C 107 -5.13 -13.57 -1.41
N MET C 108 -4.95 -13.44 -0.10
CA MET C 108 -5.74 -12.50 0.69
C MET C 108 -4.87 -11.84 1.74
N GLN C 109 -5.32 -10.66 2.18
CA GLN C 109 -4.57 -9.87 3.15
C GLN C 109 -4.46 -10.62 4.47
N ARG C 110 -3.49 -10.20 5.29
CA ARG C 110 -3.21 -10.85 6.56
C ARG C 110 -4.07 -10.29 7.69
N THR C 111 -5.20 -9.69 7.36
CA THR C 111 -6.04 -9.07 8.38
C THR C 111 -6.44 -10.08 9.45
N VAL C 112 -6.88 -9.54 10.60
CA VAL C 112 -7.16 -10.37 11.77
C VAL C 112 -8.22 -11.42 11.45
N ASN C 113 -9.29 -11.01 10.76
CA ASN C 113 -10.33 -11.98 10.40
C ASN C 113 -9.76 -13.11 9.56
N THR C 114 -8.66 -12.86 8.86
CA THR C 114 -8.04 -13.86 7.99
C THR C 114 -6.93 -14.63 8.69
N ILE C 115 -6.24 -14.01 9.65
CA ILE C 115 -5.08 -14.66 10.26
C ILE C 115 -5.49 -15.86 11.10
N TRP C 116 -6.62 -15.77 11.79
CA TRP C 116 -7.13 -16.93 12.51
C TRP C 116 -7.32 -18.11 11.56
N PHE C 117 -8.02 -17.88 10.46
CA PHE C 117 -8.24 -18.96 9.49
C PHE C 117 -6.91 -19.45 8.92
N LEU C 118 -5.96 -18.54 8.70
CA LEU C 118 -4.67 -18.94 8.16
C LEU C 118 -3.97 -19.93 9.09
N HIS C 119 -3.85 -19.58 10.37
CA HIS C 119 -3.20 -20.48 11.32
C HIS C 119 -3.98 -21.77 11.46
N LEU C 120 -5.31 -21.67 11.46
CA LEU C 120 -6.15 -22.86 11.59
C LEU C 120 -5.91 -23.81 10.42
N THR C 121 -5.90 -23.28 9.19
CA THR C 121 -5.69 -24.16 8.05
C THR C 121 -4.28 -24.71 8.04
N LEU C 122 -3.31 -23.98 8.59
CA LEU C 122 -1.98 -24.54 8.70
C LEU C 122 -1.97 -25.76 9.61
N ALA C 123 -2.59 -25.64 10.78
CA ALA C 123 -2.68 -26.81 11.67
C ALA C 123 -3.45 -27.93 11.01
N ASP C 124 -4.54 -27.59 10.31
CA ASP C 124 -5.38 -28.60 9.69
C ASP C 124 -4.62 -29.32 8.57
N LEU C 125 -3.86 -28.56 7.78
CA LEU C 125 -3.06 -29.13 6.71
C LEU C 125 -1.95 -29.99 7.25
N LEU C 126 -1.34 -29.59 8.38
CA LEU C 126 -0.36 -30.48 9.00
C LEU C 126 -1.01 -31.80 9.39
N CYS C 127 -2.21 -31.73 9.97
CA CYS C 127 -2.92 -32.95 10.34
C CYS C 127 -3.19 -33.82 9.12
N CYS C 128 -3.66 -33.20 8.02
CA CYS C 128 -3.91 -33.95 6.79
C CYS C 128 -2.64 -34.57 6.24
N LEU C 129 -1.55 -33.80 6.21
CA LEU C 129 -0.29 -34.31 5.70
C LEU C 129 0.18 -35.51 6.50
N SER C 130 -0.02 -35.49 7.82
CA SER C 130 0.41 -36.59 8.67
C SER C 130 -0.57 -37.76 8.67
N LEU C 131 -1.82 -37.54 8.27
CA LEU C 131 -2.83 -38.59 8.34
C LEU C 131 -2.44 -39.86 7.59
N PRO C 132 -1.79 -39.79 6.42
CA PRO C 132 -1.37 -41.03 5.75
C PRO C 132 -0.57 -41.96 6.65
N PHE C 133 0.18 -41.44 7.61
CA PHE C 133 0.81 -42.32 8.58
C PHE C 133 -0.22 -43.11 9.36
N SER C 134 -1.31 -42.47 9.78
CA SER C 134 -2.36 -43.20 10.47
C SER C 134 -2.99 -44.23 9.56
N LEU C 135 -3.21 -43.88 8.29
CA LEU C 135 -3.77 -44.85 7.35
C LEU C 135 -2.88 -46.08 7.23
N ALA C 136 -1.59 -45.88 6.99
CA ALA C 136 -0.67 -47.01 6.87
C ALA C 136 -0.60 -47.80 8.17
N HIS C 137 -0.55 -47.11 9.30
CA HIS C 137 -0.44 -47.77 10.58
C HIS C 137 -1.62 -48.70 10.82
N LEU C 138 -2.83 -48.19 10.62
CA LEU C 138 -4.02 -49.04 10.73
C LEU C 138 -4.00 -50.14 9.69
N ALA C 139 -3.52 -49.85 8.48
CA ALA C 139 -3.51 -50.86 7.42
C ALA C 139 -2.70 -52.07 7.83
N LEU C 140 -1.45 -51.85 8.24
CA LEU C 140 -0.65 -52.97 8.72
C LEU C 140 -1.21 -53.51 10.03
N GLN C 141 -1.71 -52.62 10.90
CA GLN C 141 -2.17 -53.02 12.22
C GLN C 141 -1.05 -53.68 13.02
N GLY C 142 0.19 -53.28 12.77
CA GLY C 142 1.32 -53.86 13.45
C GLY C 142 2.61 -53.30 12.92
N GLN C 143 3.68 -53.61 13.65
CA GLN C 143 5.03 -53.17 13.30
C GLN C 143 5.10 -51.65 13.18
N TRP C 144 6.23 -51.14 12.69
CA TRP C 144 6.43 -49.71 12.52
C TRP C 144 7.50 -49.44 11.47
N PRO C 145 7.13 -48.94 10.29
CA PRO C 145 8.13 -48.80 9.22
C PRO C 145 9.28 -47.87 9.58
N TYR C 146 9.04 -46.85 10.40
CA TYR C 146 9.97 -45.74 10.54
C TYR C 146 10.79 -45.85 11.82
N GLY C 147 11.63 -44.85 12.04
CA GLY C 147 12.59 -44.89 13.12
C GLY C 147 11.98 -44.56 14.48
N ARG C 148 12.82 -44.68 15.50
CA ARG C 148 12.39 -44.38 16.86
C ARG C 148 12.06 -42.89 17.01
N PHE C 149 12.99 -42.03 16.58
CA PHE C 149 12.70 -40.60 16.53
C PHE C 149 11.55 -40.32 15.58
N LEU C 150 11.41 -41.12 14.53
CA LEU C 150 10.31 -40.95 13.59
C LEU C 150 8.96 -41.06 14.31
N CYS C 151 8.80 -42.09 15.15
CA CYS C 151 7.57 -42.21 15.93
C CYS C 151 7.50 -41.19 17.04
N LYS C 152 8.65 -40.78 17.58
CA LYS C 152 8.61 -39.76 18.62
C LYS C 152 8.11 -38.43 18.06
N LEU C 153 8.31 -38.20 16.76
CA LEU C 153 7.85 -36.97 16.14
C LEU C 153 6.43 -37.08 15.57
N ILE C 154 6.18 -38.06 14.71
CA ILE C 154 4.97 -38.06 13.88
C ILE C 154 3.72 -37.93 14.73
N PRO C 155 3.49 -38.82 15.71
CA PRO C 155 2.38 -38.62 16.65
C PRO C 155 2.32 -37.22 17.24
N SER C 156 3.49 -36.72 17.67
CA SER C 156 3.54 -35.39 18.27
C SER C 156 3.13 -34.32 17.28
N ILE C 157 3.60 -34.42 16.03
CA ILE C 157 3.17 -33.47 15.01
C ILE C 157 1.66 -33.55 14.81
N ILE C 158 1.11 -34.77 14.84
CA ILE C 158 -0.33 -34.94 14.63
C ILE C 158 -1.10 -34.24 15.73
N VAL C 159 -0.76 -34.53 16.99
CA VAL C 159 -1.51 -33.94 18.11
C VAL C 159 -1.30 -32.44 18.15
N LEU C 160 -0.10 -31.97 17.80
CA LEU C 160 0.14 -30.54 17.71
C LEU C 160 -0.83 -29.91 16.72
N ASN C 161 -0.90 -30.46 15.52
CA ASN C 161 -1.84 -29.94 14.53
C ASN C 161 -3.26 -29.98 15.07
N MET C 162 -3.63 -31.08 15.74
CA MET C 162 -5.00 -31.27 16.17
C MET C 162 -5.38 -30.24 17.23
N PHE C 163 -4.65 -30.19 18.33
CA PHE C 163 -5.00 -29.27 19.39
C PHE C 163 -4.72 -27.83 18.98
N ALA C 164 -3.80 -27.59 18.06
CA ALA C 164 -3.65 -26.23 17.52
C ALA C 164 -4.91 -25.83 16.77
N SER C 165 -5.47 -26.75 16.00
CA SER C 165 -6.76 -26.50 15.36
C SER C 165 -7.83 -26.23 16.41
N VAL C 166 -7.86 -27.06 17.47
CA VAL C 166 -8.88 -26.92 18.50
C VAL C 166 -8.79 -25.53 19.15
N PHE C 167 -7.58 -25.15 19.58
CA PHE C 167 -7.40 -23.88 20.26
C PHE C 167 -7.62 -22.71 19.32
N LEU C 168 -7.34 -22.89 18.03
CA LEU C 168 -7.65 -21.82 17.09
C LEU C 168 -9.16 -21.70 16.89
N LEU C 169 -9.88 -22.81 16.91
CA LEU C 169 -11.34 -22.71 16.93
C LEU C 169 -11.81 -21.95 18.16
N THR C 170 -11.19 -22.23 19.31
CA THR C 170 -11.60 -21.58 20.55
C THR C 170 -11.25 -20.09 20.52
N ALA C 171 -10.09 -19.74 19.98
CA ALA C 171 -9.72 -18.33 19.86
C ALA C 171 -10.58 -17.61 18.83
N ILE C 172 -10.97 -18.30 17.77
CA ILE C 172 -11.92 -17.72 16.82
C ILE C 172 -13.23 -17.42 17.52
N SER C 173 -13.70 -18.37 18.35
CA SER C 173 -14.92 -18.15 19.11
C SER C 173 -14.76 -16.97 20.07
N LEU C 174 -13.61 -16.88 20.75
CA LEU C 174 -13.40 -15.78 21.69
C LEU C 174 -13.33 -14.44 20.98
N ASP C 175 -12.68 -14.38 19.81
CA ASP C 175 -12.67 -13.13 19.06
C ASP C 175 -14.09 -12.76 18.64
N ARG C 176 -14.84 -13.74 18.12
CA ARG C 176 -16.22 -13.48 17.71
C ARG C 176 -17.04 -12.96 18.88
N CYS C 177 -16.75 -13.45 20.08
CA CYS C 177 -17.45 -12.96 21.27
C CYS C 177 -16.99 -11.58 21.67
N LEU C 178 -15.67 -11.34 21.64
CA LEU C 178 -15.12 -10.07 22.10
C LEU C 178 -15.57 -8.91 21.23
N VAL C 179 -15.62 -9.12 19.92
CA VAL C 179 -16.07 -8.04 19.04
C VAL C 179 -17.54 -7.69 19.26
N VAL C 180 -18.29 -8.53 19.96
CA VAL C 180 -19.68 -8.23 20.29
C VAL C 180 -19.83 -7.73 21.71
N PHE C 181 -19.05 -8.29 22.63
CA PHE C 181 -19.08 -7.94 24.04
C PHE C 181 -18.34 -6.64 24.32
N LYS C 182 -17.29 -6.34 23.56
CA LYS C 182 -16.47 -5.15 23.75
C LYS C 182 -16.11 -4.56 22.40
N PRO C 183 -17.07 -3.89 21.74
CA PRO C 183 -16.75 -3.32 20.43
C PRO C 183 -15.73 -2.20 20.48
N ILE C 184 -15.84 -1.28 21.45
CA ILE C 184 -14.94 -0.15 21.49
C ILE C 184 -13.51 -0.61 21.75
N TRP C 185 -13.33 -1.57 22.64
CA TRP C 185 -11.97 -2.07 22.93
C TRP C 185 -11.36 -2.74 21.73
N CYS C 186 -12.16 -3.49 20.96
CA CYS C 186 -11.66 -4.06 19.71
C CYS C 186 -11.29 -2.97 18.71
N GLN C 187 -12.11 -1.90 18.63
CA GLN C 187 -11.80 -0.81 17.72
C GLN C 187 -10.44 -0.21 18.00
N ASN C 188 -9.96 -0.31 19.24
CA ASN C 188 -8.68 0.26 19.64
C ASN C 188 -7.53 -0.73 19.59
N HIS C 189 -7.70 -1.91 20.20
CA HIS C 189 -6.58 -2.79 20.50
C HIS C 189 -6.54 -4.07 19.68
N ARG C 190 -7.63 -4.42 19.00
CA ARG C 190 -7.68 -5.67 18.23
C ARG C 190 -7.05 -5.42 16.88
N ASN C 191 -5.76 -5.75 16.75
CA ASN C 191 -5.02 -5.53 15.52
C ASN C 191 -4.17 -6.75 15.23
N VAL C 192 -3.58 -6.78 14.03
CA VAL C 192 -2.87 -7.97 13.57
C VAL C 192 -1.73 -8.32 14.50
N GLY C 193 -1.07 -7.32 15.09
CA GLY C 193 -0.03 -7.63 16.06
C GLY C 193 -0.58 -8.43 17.23
N MET C 194 -1.69 -7.97 17.80
CA MET C 194 -2.33 -8.69 18.90
C MET C 194 -2.72 -10.10 18.46
N ALA C 195 -3.36 -10.21 17.30
CA ALA C 195 -3.84 -11.50 16.85
C ALA C 195 -2.69 -12.48 16.65
N CYS C 196 -1.62 -12.01 16.00
CA CYS C 196 -0.47 -12.89 15.76
C CYS C 196 0.21 -13.27 17.06
N SER C 197 0.29 -12.34 18.02
CA SER C 197 0.85 -12.70 19.32
C SER C 197 0.02 -13.79 20.00
N ILE C 198 -1.30 -13.67 19.95
CA ILE C 198 -2.14 -14.69 20.57
C ILE C 198 -2.03 -16.00 19.82
N CYS C 199 -1.90 -15.97 18.50
CA CYS C 199 -1.66 -17.19 17.74
C CYS C 199 -0.35 -17.85 18.16
N GLY C 200 0.69 -17.04 18.37
CA GLY C 200 1.93 -17.57 18.90
C GLY C 200 1.71 -18.25 20.23
N CYS C 201 0.98 -17.60 21.14
CA CYS C 201 0.70 -18.21 22.44
C CYS C 201 -0.08 -19.51 22.28
N ILE C 202 -0.99 -19.56 21.32
CA ILE C 202 -1.79 -20.77 21.09
C ILE C 202 -0.90 -21.91 20.64
N TRP C 203 -0.02 -21.65 19.67
CA TRP C 203 0.94 -22.68 19.28
C TRP C 203 1.84 -23.07 20.43
N VAL C 204 2.23 -22.12 21.28
CA VAL C 204 3.08 -22.44 22.41
C VAL C 204 2.37 -23.41 23.35
N VAL C 205 1.11 -23.12 23.68
CA VAL C 205 0.38 -23.97 24.61
C VAL C 205 0.15 -25.35 24.01
N ALA C 206 -0.14 -25.40 22.70
CA ALA C 206 -0.29 -26.70 22.04
C ALA C 206 1.02 -27.48 22.08
N PHE C 207 2.14 -26.79 21.85
CA PHE C 207 3.44 -27.47 21.80
C PHE C 207 3.77 -28.03 23.17
N VAL C 208 3.52 -27.23 24.22
CA VAL C 208 3.70 -27.69 25.60
C VAL C 208 2.77 -28.86 25.92
N MET C 209 1.55 -28.84 25.38
CA MET C 209 0.61 -29.91 25.65
C MET C 209 0.95 -31.19 24.88
N CYS C 210 1.82 -31.12 23.88
CA CYS C 210 2.19 -32.31 23.13
C CYS C 210 3.68 -32.64 23.23
N ILE C 211 4.44 -31.96 24.09
CA ILE C 211 5.73 -32.50 24.48
C ILE C 211 5.58 -33.66 25.45
N PRO C 212 4.51 -33.76 26.25
CA PRO C 212 4.36 -34.95 27.11
C PRO C 212 4.21 -36.24 26.33
N VAL C 213 3.83 -36.17 25.06
CA VAL C 213 3.90 -37.35 24.20
C VAL C 213 5.30 -37.52 23.63
N PHE C 214 5.90 -36.40 23.20
CA PHE C 214 7.27 -36.41 22.69
C PHE C 214 8.24 -37.05 23.69
N VAL C 215 8.00 -36.84 24.99
CA VAL C 215 8.94 -37.34 25.99
C VAL C 215 8.78 -38.84 26.23
N TYR C 216 7.66 -39.44 25.83
CA TYR C 216 7.40 -40.84 26.19
C TYR C 216 6.96 -41.72 25.02
N ARG C 217 6.47 -41.17 23.91
CA ARG C 217 6.11 -41.96 22.74
C ARG C 217 7.35 -42.64 22.16
N GLU C 218 7.38 -43.97 22.15
CA GLU C 218 8.59 -44.68 21.77
C GLU C 218 8.24 -46.04 21.18
N ILE C 219 9.28 -46.71 20.67
CA ILE C 219 9.13 -48.02 20.04
C ILE C 219 8.88 -49.10 21.09
N PHE C 220 8.40 -50.23 20.59
CA PHE C 220 8.16 -51.40 21.47
C PHE C 220 8.33 -52.62 20.58
N THR C 221 8.48 -53.79 21.18
CA THR C 221 8.61 -55.02 20.39
C THR C 221 7.25 -55.47 19.87
N THR C 222 6.46 -56.13 20.71
CA THR C 222 5.03 -56.33 20.48
C THR C 222 4.71 -57.31 19.36
N ASP C 223 5.72 -57.76 18.61
CA ASP C 223 5.48 -58.77 17.59
C ASP C 223 6.81 -59.44 17.24
N ASN C 224 6.82 -60.22 16.17
CA ASN C 224 8.10 -60.53 15.52
C ASN C 224 8.71 -59.30 14.89
N HIS C 225 7.94 -58.22 14.76
CA HIS C 225 8.44 -56.95 14.22
C HIS C 225 8.08 -55.83 15.20
N ASN C 226 9.04 -54.95 15.44
CA ASN C 226 8.84 -53.87 16.40
C ASN C 226 7.70 -52.96 15.95
N ARG C 227 6.84 -52.61 16.91
CA ARG C 227 5.71 -51.71 16.67
C ARG C 227 5.70 -50.63 17.74
N CYS C 228 5.41 -49.40 17.32
CA CYS C 228 5.47 -48.26 18.23
C CYS C 228 4.26 -48.21 19.14
N GLY C 229 4.51 -48.06 20.44
CA GLY C 229 3.46 -47.99 21.45
C GLY C 229 4.04 -47.70 22.82
N TYR C 230 3.22 -47.20 23.74
CA TYR C 230 3.74 -46.78 25.05
C TYR C 230 2.67 -46.93 26.12
N LYS C 231 3.13 -47.11 27.36
CA LYS C 231 2.26 -47.18 28.52
C LYS C 231 3.03 -46.84 29.79
N THR C 387 -0.63 -43.55 37.64
CA THR C 387 -0.21 -42.11 37.69
C THR C 387 0.28 -41.40 36.42
N PRO C 388 1.44 -41.70 35.77
CA PRO C 388 1.95 -40.84 34.69
C PRO C 388 0.99 -40.66 33.53
N LEU C 389 0.50 -41.79 33.00
CA LEU C 389 -0.43 -41.73 31.88
C LEU C 389 -1.73 -41.02 32.27
N VAL C 390 -2.18 -41.21 33.51
CA VAL C 390 -3.31 -40.45 34.01
C VAL C 390 -3.00 -38.96 33.97
N ALA C 391 -1.85 -38.59 34.54
CA ALA C 391 -1.49 -37.18 34.65
C ALA C 391 -1.41 -36.49 33.31
N ILE C 392 -1.01 -37.21 32.26
CA ILE C 392 -0.97 -36.59 30.94
C ILE C 392 -2.35 -36.61 30.29
N THR C 393 -3.05 -37.75 30.36
CA THR C 393 -4.27 -37.90 29.58
C THR C 393 -5.40 -37.04 30.15
N ILE C 394 -5.53 -36.96 31.47
CA ILE C 394 -6.62 -36.15 32.03
C ILE C 394 -6.35 -34.67 31.81
N THR C 395 -5.07 -34.26 31.89
CA THR C 395 -4.73 -32.87 31.59
C THR C 395 -5.08 -32.53 30.16
N ARG C 396 -4.67 -33.39 29.22
CA ARG C 396 -5.01 -33.17 27.82
C ARG C 396 -6.52 -33.14 27.62
N LEU C 397 -7.24 -34.08 28.24
CA LEU C 397 -8.69 -34.08 28.13
C LEU C 397 -9.27 -32.76 28.61
N VAL C 398 -8.91 -32.33 29.81
CA VAL C 398 -9.49 -31.11 30.35
C VAL C 398 -9.22 -29.95 29.39
N VAL C 399 -7.95 -29.75 29.04
CA VAL C 399 -7.57 -28.53 28.34
C VAL C 399 -8.08 -28.54 26.90
N GLY C 400 -8.28 -29.72 26.31
CA GLY C 400 -8.73 -29.80 24.94
C GLY C 400 -10.22 -29.99 24.78
N PHE C 401 -10.92 -30.34 25.87
CA PHE C 401 -12.34 -30.62 25.80
C PHE C 401 -13.13 -29.61 26.61
N LEU C 402 -12.90 -29.53 27.93
CA LEU C 402 -13.78 -28.72 28.75
C LEU C 402 -13.56 -27.24 28.48
N LEU C 403 -12.29 -26.82 28.51
CA LEU C 403 -11.96 -25.41 28.28
C LEU C 403 -12.44 -24.95 26.92
N PRO C 404 -11.98 -25.51 25.80
CA PRO C 404 -12.48 -25.04 24.49
C PRO C 404 -13.97 -25.23 24.34
N SER C 405 -14.51 -26.36 24.80
CA SER C 405 -15.93 -26.62 24.63
C SER C 405 -16.77 -25.61 25.40
N VAL C 406 -16.46 -25.42 26.68
CA VAL C 406 -17.24 -24.49 27.49
C VAL C 406 -17.07 -23.07 26.98
N ILE C 407 -15.87 -22.72 26.54
CA ILE C 407 -15.65 -21.36 26.03
C ILE C 407 -16.45 -21.15 24.75
N MET C 408 -16.49 -22.15 23.87
CA MET C 408 -17.30 -22.06 22.67
C MET C 408 -18.78 -21.91 23.01
N ILE C 409 -19.28 -22.76 23.91
CA ILE C 409 -20.69 -22.68 24.26
C ILE C 409 -21.01 -21.32 24.85
N ALA C 410 -20.17 -20.82 25.76
CA ALA C 410 -20.40 -19.51 26.36
C ALA C 410 -20.38 -18.41 25.31
N CYS C 411 -19.33 -18.39 24.49
CA CYS C 411 -19.19 -17.33 23.50
C CYS C 411 -20.36 -17.32 22.53
N TYR C 412 -20.71 -18.49 21.98
CA TYR C 412 -21.80 -18.52 21.01
C TYR C 412 -23.14 -18.27 21.68
N SER C 413 -23.33 -18.71 22.92
CA SER C 413 -24.55 -18.36 23.64
C SER C 413 -24.67 -16.85 23.78
N PHE C 414 -23.58 -16.18 24.15
CA PHE C 414 -23.63 -14.73 24.29
C PHE C 414 -23.88 -14.06 22.94
N ILE C 415 -23.25 -14.55 21.88
CA ILE C 415 -23.43 -13.93 20.57
C ILE C 415 -24.86 -14.10 20.10
N VAL C 416 -25.46 -15.27 20.37
CA VAL C 416 -26.85 -15.48 20.00
C VAL C 416 -27.76 -14.60 20.85
N PHE C 417 -27.44 -14.44 22.13
CA PHE C 417 -28.23 -13.60 23.01
C PHE C 417 -28.22 -12.15 22.54
N ARG C 418 -27.03 -11.60 22.32
CA ARG C 418 -26.90 -10.23 21.84
C ARG C 418 -27.52 -10.06 20.47
N MET C 419 -27.69 -11.16 19.72
CA MET C 419 -28.38 -11.10 18.44
C MET C 419 -29.88 -10.90 18.61
N GLN C 420 -30.41 -10.98 19.83
CA GLN C 420 -31.83 -10.77 20.07
C GLN C 420 -32.27 -9.36 19.73
N ARG C 421 -31.33 -8.43 19.59
CA ARG C 421 -31.57 -7.02 19.89
C ARG C 421 -31.34 -6.15 18.67
N GLY C 422 -32.14 -5.09 18.58
CA GLY C 422 -31.93 -4.09 17.55
C GLY C 422 -31.96 -4.68 16.16
N ARG C 423 -30.93 -4.36 15.37
CA ARG C 423 -30.84 -4.83 13.99
C ARG C 423 -30.50 -6.31 13.89
N PHE C 424 -30.13 -6.96 15.00
CA PHE C 424 -29.71 -8.35 14.94
C PHE C 424 -30.86 -9.33 15.03
N ALA C 425 -32.06 -8.88 15.43
CA ALA C 425 -33.15 -9.81 15.67
C ALA C 425 -33.47 -10.65 14.45
N LYS C 426 -33.41 -10.05 13.26
CA LYS C 426 -33.66 -10.81 12.03
C LYS C 426 -32.66 -11.94 11.83
N SER C 427 -31.46 -11.83 12.41
CA SER C 427 -30.37 -12.74 12.10
C SER C 427 -30.08 -13.76 13.17
N GLN C 428 -30.94 -13.88 14.20
CA GLN C 428 -30.74 -14.95 15.17
C GLN C 428 -30.76 -16.31 14.50
N SER C 429 -31.61 -16.48 13.48
CA SER C 429 -31.68 -17.76 12.79
C SER C 429 -30.33 -18.13 12.19
N LYS C 430 -29.74 -17.23 11.40
CA LYS C 430 -28.44 -17.50 10.79
C LYS C 430 -27.37 -17.71 11.85
N THR C 431 -27.33 -16.82 12.85
CA THR C 431 -26.30 -16.93 13.88
C THR C 431 -26.42 -18.25 14.63
N PHE C 432 -27.65 -18.67 14.94
CA PHE C 432 -27.84 -19.92 15.68
C PHE C 432 -27.49 -21.13 14.83
N ARG C 433 -27.86 -21.10 13.55
CA ARG C 433 -27.46 -22.20 12.67
C ARG C 433 -25.94 -22.33 12.62
N VAL C 434 -25.24 -21.22 12.42
CA VAL C 434 -23.79 -21.28 12.36
C VAL C 434 -23.22 -21.74 13.70
N ALA C 435 -23.67 -21.12 14.79
CA ALA C 435 -23.19 -21.51 16.11
C ALA C 435 -23.36 -23.00 16.34
N VAL C 436 -24.55 -23.51 16.10
CA VAL C 436 -24.82 -24.90 16.43
C VAL C 436 -24.07 -25.84 15.50
N VAL C 437 -23.92 -25.50 14.22
CA VAL C 437 -23.19 -26.43 13.34
C VAL C 437 -21.70 -26.44 13.68
N VAL C 438 -21.11 -25.25 13.87
CA VAL C 438 -19.67 -25.19 14.16
C VAL C 438 -19.36 -25.74 15.53
N VAL C 439 -20.33 -25.76 16.45
CA VAL C 439 -20.09 -26.38 17.74
C VAL C 439 -20.44 -27.86 17.71
N ALA C 440 -21.50 -28.23 16.99
CA ALA C 440 -21.95 -29.62 16.94
C ALA C 440 -20.95 -30.51 16.22
N VAL C 441 -20.41 -30.03 15.09
CA VAL C 441 -19.40 -30.81 14.38
C VAL C 441 -18.19 -31.01 15.27
N PHE C 442 -17.74 -29.95 15.94
CA PHE C 442 -16.66 -30.05 16.91
C PHE C 442 -16.98 -31.09 17.97
N LEU C 443 -18.20 -31.04 18.50
CA LEU C 443 -18.59 -31.94 19.58
C LEU C 443 -18.57 -33.38 19.13
N VAL C 444 -19.19 -33.67 17.99
CA VAL C 444 -19.27 -35.08 17.57
C VAL C 444 -17.90 -35.58 17.19
N CYS C 445 -17.05 -34.71 16.60
CA CYS C 445 -15.71 -35.12 16.25
C CYS C 445 -14.88 -35.43 17.49
N TRP C 446 -14.94 -34.57 18.51
CA TRP C 446 -13.98 -34.65 19.60
C TRP C 446 -14.48 -35.43 20.82
N THR C 447 -15.79 -35.46 21.08
CA THR C 447 -16.31 -36.13 22.26
C THR C 447 -15.88 -37.59 22.35
N PRO C 448 -15.95 -38.39 21.28
CA PRO C 448 -15.48 -39.78 21.40
C PRO C 448 -14.02 -39.86 21.81
N TYR C 449 -13.18 -39.05 21.16
CA TYR C 449 -11.75 -39.06 21.42
C TYR C 449 -11.44 -38.75 22.87
N HIS C 450 -12.21 -37.85 23.48
CA HIS C 450 -11.97 -37.48 24.87
C HIS C 450 -12.54 -38.51 25.83
N ILE C 451 -13.77 -38.95 25.56
CA ILE C 451 -14.47 -39.83 26.49
C ILE C 451 -13.79 -41.20 26.56
N PHE C 452 -13.22 -41.68 25.45
CA PHE C 452 -12.53 -42.96 25.49
C PHE C 452 -11.37 -42.94 26.47
N GLY C 453 -10.78 -41.77 26.71
CA GLY C 453 -9.69 -41.69 27.67
C GLY C 453 -10.16 -41.95 29.10
N VAL C 454 -11.23 -41.28 29.51
CA VAL C 454 -11.73 -41.53 30.84
C VAL C 454 -12.27 -42.96 30.94
N LEU C 455 -12.78 -43.50 29.83
CA LEU C 455 -13.20 -44.90 29.83
C LEU C 455 -11.99 -45.83 30.01
N SER C 456 -10.86 -45.50 29.39
CA SER C 456 -9.63 -46.27 29.54
C SER C 456 -9.04 -46.15 30.94
N LEU C 457 -9.36 -45.08 31.66
CA LEU C 457 -9.06 -45.01 33.09
C LEU C 457 -10.12 -45.69 33.95
N LEU C 458 -11.32 -45.92 33.42
CA LEU C 458 -12.34 -46.66 34.15
C LEU C 458 -12.16 -48.16 34.00
N THR C 459 -11.72 -48.63 32.82
CA THR C 459 -11.71 -50.06 32.52
C THR C 459 -10.47 -50.40 31.70
N ASP C 460 -10.08 -51.69 31.75
CA ASP C 460 -8.88 -52.20 31.13
C ASP C 460 -9.17 -52.76 29.74
N PRO C 461 -8.16 -52.83 28.87
CA PRO C 461 -8.26 -53.70 27.70
C PRO C 461 -8.19 -55.15 28.12
N GLU C 462 -8.27 -56.03 27.12
CA GLU C 462 -8.35 -57.48 27.37
C GLU C 462 -9.65 -57.83 28.09
N THR C 463 -10.69 -57.04 27.84
CA THR C 463 -12.03 -57.30 28.31
C THR C 463 -12.97 -57.05 27.13
N PRO C 464 -14.19 -57.59 27.17
CA PRO C 464 -15.11 -57.35 26.04
C PRO C 464 -15.27 -55.88 25.75
N LEU C 465 -15.65 -55.09 26.76
CA LEU C 465 -15.73 -53.64 26.59
C LEU C 465 -14.35 -53.07 26.29
N GLY C 466 -13.31 -53.56 26.98
CA GLY C 466 -11.97 -53.06 26.74
C GLY C 466 -11.52 -53.24 25.31
N LYS C 467 -11.58 -54.47 24.80
CA LYS C 467 -11.20 -54.73 23.42
C LYS C 467 -12.08 -53.97 22.44
N THR C 468 -13.36 -53.87 22.79
CA THR C 468 -14.29 -53.07 21.96
C THR C 468 -13.73 -51.66 21.82
N LEU C 469 -13.46 -51.00 22.95
CA LEU C 469 -13.01 -49.62 22.94
C LEU C 469 -11.70 -49.46 22.19
N MET C 470 -10.74 -50.36 22.43
CA MET C 470 -9.47 -50.23 21.74
C MET C 470 -9.58 -50.56 20.25
N SER C 471 -10.65 -51.23 19.81
CA SER C 471 -10.86 -51.41 18.38
C SER C 471 -11.53 -50.20 17.74
N TRP C 472 -12.52 -49.62 18.43
CA TRP C 472 -13.14 -48.37 17.98
C TRP C 472 -12.27 -47.15 18.19
N ASP C 473 -11.13 -47.28 18.87
CA ASP C 473 -10.21 -46.16 19.01
C ASP C 473 -9.78 -45.63 17.64
N HIS C 474 -9.61 -46.51 16.66
CA HIS C 474 -9.22 -46.05 15.33
C HIS C 474 -10.31 -45.16 14.72
N VAL C 475 -11.58 -45.52 14.93
CA VAL C 475 -12.67 -44.66 14.47
C VAL C 475 -12.66 -43.34 15.24
N CYS C 476 -12.31 -43.39 16.53
CA CYS C 476 -12.21 -42.15 17.30
C CYS C 476 -11.16 -41.22 16.71
N ILE C 477 -9.98 -41.76 16.38
CA ILE C 477 -8.95 -40.98 15.72
C ILE C 477 -9.46 -40.47 14.38
N ALA C 478 -10.19 -41.31 13.65
CA ALA C 478 -10.75 -40.91 12.37
C ALA C 478 -11.65 -39.70 12.52
N LEU C 479 -12.50 -39.67 13.54
CA LEU C 479 -13.38 -38.53 13.75
C LEU C 479 -12.59 -37.29 14.17
N ALA C 480 -11.63 -37.46 15.07
CA ALA C 480 -10.81 -36.33 15.49
C ALA C 480 -10.14 -35.69 14.28
N SER C 481 -9.61 -36.51 13.37
CA SER C 481 -9.02 -35.97 12.15
C SER C 481 -10.08 -35.39 11.22
N ALA C 482 -11.26 -36.03 11.17
CA ALA C 482 -12.33 -35.55 10.31
C ALA C 482 -12.68 -34.11 10.64
N ASN C 483 -12.61 -33.75 11.92
CA ASN C 483 -12.77 -32.34 12.27
C ASN C 483 -11.82 -31.48 11.43
N SER C 484 -10.59 -31.95 11.23
CA SER C 484 -9.61 -31.16 10.49
C SER C 484 -10.01 -30.96 9.04
N CYS C 485 -10.62 -31.97 8.41
CA CYS C 485 -11.07 -31.80 7.04
C CYS C 485 -12.36 -30.98 6.95
N PHE C 486 -13.17 -31.00 8.01
CA PHE C 486 -14.34 -30.12 8.06
C PHE C 486 -13.93 -28.66 8.21
N ASN C 487 -12.90 -28.41 9.01
CA ASN C 487 -12.59 -27.05 9.42
C ASN C 487 -12.45 -26.05 8.27
N PRO C 488 -11.80 -26.36 7.14
CA PRO C 488 -11.75 -25.35 6.08
C PRO C 488 -13.13 -24.93 5.61
N PHE C 489 -13.99 -25.92 5.32
CA PHE C 489 -15.32 -25.62 4.84
C PHE C 489 -16.15 -24.95 5.93
N LEU C 490 -15.92 -25.33 7.18
CA LEU C 490 -16.79 -24.95 8.29
C LEU C 490 -16.45 -23.58 8.87
N TYR C 491 -15.21 -23.11 8.72
CA TYR C 491 -14.83 -21.79 9.16
C TYR C 491 -14.41 -20.89 8.01
N ALA C 492 -13.46 -21.30 7.18
CA ALA C 492 -12.94 -20.42 6.15
C ALA C 492 -13.96 -20.18 5.05
N LEU C 493 -14.34 -21.24 4.34
CA LEU C 493 -15.36 -21.14 3.30
C LEU C 493 -16.75 -21.02 3.87
N LEU C 494 -16.90 -20.99 5.19
CA LEU C 494 -18.15 -20.57 5.78
C LEU C 494 -18.31 -19.05 5.72
N GLY C 495 -17.17 -18.44 5.45
CA GLY C 495 -17.15 -16.98 5.26
C GLY C 495 -17.10 -16.62 3.80
N LYS C 496 -17.86 -15.62 3.41
CA LYS C 496 -17.98 -15.26 1.99
C LYS C 496 -16.67 -14.92 1.30
N ASP C 497 -15.75 -14.26 1.98
CA ASP C 497 -14.50 -13.83 1.30
C ASP C 497 -13.70 -15.06 0.88
N PHE C 498 -13.50 -15.99 1.80
CA PHE C 498 -12.71 -17.19 1.50
C PHE C 498 -13.38 -17.98 0.40
N ARG C 499 -14.72 -18.00 0.38
CA ARG C 499 -15.42 -18.69 -0.73
C ARG C 499 -15.08 -18.00 -2.05
N LYS C 500 -15.22 -16.68 -2.08
CA LYS C 500 -14.96 -15.95 -3.32
C LYS C 500 -13.53 -16.20 -3.79
N LYS C 501 -12.56 -16.16 -2.89
CA LYS C 501 -11.16 -16.27 -3.34
C LYS C 501 -10.84 -17.68 -3.79
N ALA C 502 -11.35 -18.69 -3.09
CA ALA C 502 -11.15 -20.08 -3.55
C ALA C 502 -11.76 -20.29 -4.94
N ARG C 503 -13.01 -19.84 -5.14
CA ARG C 503 -13.61 -19.92 -6.49
C ARG C 503 -12.75 -19.14 -7.49
N GLN C 504 -12.25 -17.98 -7.08
CA GLN C 504 -11.48 -17.12 -8.01
C GLN C 504 -10.07 -17.65 -8.23
N SER C 505 -9.68 -18.71 -7.54
CA SER C 505 -8.29 -19.18 -7.69
C SER C 505 -8.28 -20.60 -8.23
N ILE C 506 -9.34 -21.38 -7.98
CA ILE C 506 -9.37 -22.75 -8.58
C ILE C 506 -9.66 -22.65 -10.08
N TYR D 6 1.22 -52.73 29.64
CA TYR D 6 -0.09 -53.42 29.76
C TYR D 6 -1.15 -52.76 28.87
N ARG D 7 -1.60 -51.54 29.21
CA ARG D 7 -2.76 -50.91 28.50
C ARG D 7 -2.40 -50.24 27.18
N ALA D 8 -1.14 -50.27 26.79
CA ALA D 8 -0.78 -49.53 25.58
C ALA D 8 -1.74 -49.76 24.41
N SER D 9 -1.88 -51.01 23.98
CA SER D 9 -2.74 -51.37 22.85
C SER D 9 -2.29 -50.69 21.56
N LYS D 10 -2.97 -51.00 20.45
CA LYS D 10 -2.69 -50.43 19.14
C LYS D 10 -3.38 -49.07 19.02
N LEU D 11 -2.73 -48.03 19.54
CA LEU D 11 -3.22 -46.69 19.32
C LEU D 11 -3.20 -46.35 17.84
N GLY D 12 -4.24 -45.64 17.41
CA GLY D 12 -4.34 -45.19 16.03
C GLY D 12 -3.47 -43.99 15.73
N LEU D 13 -2.37 -43.83 16.47
CA LEU D 13 -1.61 -42.58 16.45
C LEU D 13 -2.50 -41.47 16.95
N ALA D 14 -2.07 -40.22 16.75
CA ALA D 14 -2.85 -39.05 17.12
C ALA D 14 -3.22 -39.05 18.60
N ARG D 15 -2.55 -39.76 19.48
CA ARG D 15 -3.08 -39.72 20.86
C ARG D 15 -2.17 -38.89 21.76
N SER E 8 -24.50 37.08 -18.25
CA SER E 8 -25.29 36.19 -19.15
C SER E 8 -24.60 36.05 -20.50
N ILE E 9 -24.34 37.20 -21.14
CA ILE E 9 -23.82 37.20 -22.50
C ILE E 9 -22.41 36.62 -22.53
N ALA E 10 -21.57 37.02 -21.57
CA ALA E 10 -20.14 36.75 -21.66
C ALA E 10 -19.83 35.25 -21.74
N GLN E 11 -20.65 34.41 -21.13
CA GLN E 11 -20.36 32.98 -21.15
C GLN E 11 -20.60 32.42 -22.56
N ALA E 12 -21.73 32.77 -23.16
CA ALA E 12 -21.99 32.38 -24.55
C ALA E 12 -20.94 32.99 -25.48
N ARG E 13 -20.53 34.23 -25.20
CA ARG E 13 -19.48 34.86 -25.99
C ARG E 13 -18.20 34.04 -25.95
N LYS E 14 -17.79 33.60 -24.76
CA LYS E 14 -16.60 32.77 -24.65
C LYS E 14 -16.78 31.45 -25.39
N LEU E 15 -17.96 30.84 -25.28
CA LEU E 15 -18.20 29.59 -26.00
C LEU E 15 -18.06 29.79 -27.50
N VAL E 16 -18.70 30.82 -28.04
CA VAL E 16 -18.65 31.05 -29.48
C VAL E 16 -17.25 31.45 -29.92
N GLU E 17 -16.51 32.19 -29.08
CA GLU E 17 -15.14 32.51 -29.43
C GLU E 17 -14.27 31.26 -29.51
N GLN E 18 -14.43 30.36 -28.53
CA GLN E 18 -13.67 29.12 -28.57
C GLN E 18 -14.04 28.30 -29.80
N LEU E 19 -15.34 28.23 -30.11
CA LEU E 19 -15.78 27.49 -31.29
C LEU E 19 -15.22 28.11 -32.57
N LYS E 20 -15.23 29.43 -32.67
CA LYS E 20 -14.62 30.11 -33.81
C LYS E 20 -13.16 29.72 -33.94
N MET E 21 -12.40 29.88 -32.87
CA MET E 21 -10.96 29.67 -32.95
C MET E 21 -10.62 28.21 -33.22
N GLU E 22 -11.47 27.28 -32.78
CA GLU E 22 -11.27 25.87 -33.11
C GLU E 22 -11.62 25.59 -34.57
N ALA E 23 -12.73 26.16 -35.04
CA ALA E 23 -13.17 25.92 -36.42
C ALA E 23 -12.13 26.41 -37.41
N ASN E 24 -11.48 27.53 -37.11
CA ASN E 24 -10.45 28.07 -37.99
C ASN E 24 -9.16 27.27 -37.95
N ILE E 25 -9.04 26.32 -37.02
CA ILE E 25 -7.82 25.54 -36.89
C ILE E 25 -7.61 24.68 -38.13
N ASP E 26 -6.35 24.50 -38.51
CA ASP E 26 -6.00 23.68 -39.66
C ASP E 26 -6.18 22.20 -39.37
N ARG E 27 -6.30 21.40 -40.44
CA ARG E 27 -6.59 19.98 -40.32
C ARG E 27 -5.91 19.23 -41.45
N ILE E 28 -5.74 17.92 -41.25
CA ILE E 28 -5.23 17.02 -42.27
C ILE E 28 -6.16 15.82 -42.37
N LYS E 29 -6.10 15.14 -43.51
CA LYS E 29 -6.94 13.98 -43.74
C LYS E 29 -6.58 12.85 -42.78
N VAL E 30 -7.60 12.07 -42.39
CA VAL E 30 -7.41 11.00 -41.42
C VAL E 30 -6.42 9.96 -41.93
N SER E 31 -6.42 9.72 -43.24
CA SER E 31 -5.54 8.69 -43.80
C SER E 31 -4.08 9.01 -43.50
N LYS E 32 -3.69 10.27 -43.69
CA LYS E 32 -2.30 10.66 -43.44
C LYS E 32 -1.94 10.50 -41.96
N ALA E 33 -2.82 10.92 -41.06
CA ALA E 33 -2.51 10.81 -39.64
C ALA E 33 -2.38 9.35 -39.21
N ALA E 34 -3.29 8.50 -39.69
CA ALA E 34 -3.18 7.07 -39.37
C ALA E 34 -1.89 6.50 -39.93
N ALA E 35 -1.52 6.91 -41.14
CA ALA E 35 -0.26 6.46 -41.72
C ALA E 35 0.94 6.94 -40.90
N ASP E 36 0.87 8.16 -40.36
CA ASP E 36 1.95 8.65 -39.51
C ASP E 36 2.06 7.84 -38.22
N LEU E 37 0.94 7.47 -37.62
CA LEU E 37 1.01 6.60 -36.45
C LEU E 37 1.62 5.24 -36.82
N MET E 38 1.22 4.69 -37.97
CA MET E 38 1.78 3.44 -38.43
C MET E 38 3.29 3.55 -38.59
N ALA E 39 3.73 4.62 -39.25
CA ALA E 39 5.15 4.85 -39.48
C ALA E 39 5.92 4.95 -38.18
N TYR E 40 5.39 5.71 -37.21
CA TYR E 40 6.07 5.84 -35.93
C TYR E 40 6.22 4.47 -35.26
N CYS E 41 5.13 3.70 -35.25
CA CYS E 41 5.19 2.40 -34.59
C CYS E 41 6.18 1.47 -35.29
N GLU E 42 6.21 1.51 -36.62
CA GLU E 42 7.13 0.64 -37.35
C GLU E 42 8.57 1.06 -37.11
N ALA E 43 8.84 2.36 -37.16
CA ALA E 43 10.20 2.84 -36.93
C ALA E 43 10.70 2.44 -35.55
N HIS E 44 9.87 2.61 -34.52
CA HIS E 44 10.29 2.34 -33.15
C HIS E 44 9.91 0.94 -32.68
N ALA E 45 9.56 0.04 -33.61
CA ALA E 45 9.14 -1.30 -33.23
C ALA E 45 10.23 -2.05 -32.46
N LYS E 46 11.50 -1.74 -32.70
CA LYS E 46 12.58 -2.51 -32.07
C LYS E 46 12.76 -2.13 -30.60
N GLU E 47 12.85 -0.84 -30.32
CA GLU E 47 13.10 -0.34 -28.96
C GLU E 47 11.84 -0.22 -28.11
N ASP E 48 11.03 -1.28 -28.02
CA ASP E 48 9.82 -1.25 -27.15
C ASP E 48 9.74 -2.59 -26.42
N PRO E 49 10.41 -2.75 -25.28
CA PRO E 49 10.51 -4.06 -24.62
C PRO E 49 9.18 -4.68 -24.24
N LEU E 50 8.09 -3.93 -24.35
CA LEU E 50 6.76 -4.47 -24.11
C LEU E 50 6.08 -4.96 -25.39
N LEU E 51 6.20 -4.20 -26.47
CA LEU E 51 5.70 -4.68 -27.76
C LEU E 51 6.37 -5.99 -28.13
N THR E 52 7.68 -6.09 -27.92
CA THR E 52 8.43 -7.33 -28.12
C THR E 52 9.19 -7.68 -26.85
N PRO E 53 9.23 -8.97 -26.46
CA PRO E 53 9.90 -9.32 -25.20
C PRO E 53 11.37 -8.94 -25.18
N VAL E 54 11.87 -8.66 -23.99
CA VAL E 54 13.29 -8.43 -23.74
C VAL E 54 13.84 -9.67 -23.01
N PRO E 55 14.97 -10.23 -23.43
CA PRO E 55 15.44 -11.47 -22.80
C PRO E 55 15.81 -11.28 -21.34
N ALA E 56 15.61 -12.34 -20.56
CA ALA E 56 15.85 -12.26 -19.13
C ALA E 56 17.30 -11.99 -18.78
N SER E 57 18.23 -12.32 -19.67
CA SER E 57 19.63 -12.00 -19.40
C SER E 57 19.87 -10.50 -19.39
N GLU E 58 19.07 -9.76 -20.16
CA GLU E 58 19.18 -8.31 -20.26
C GLU E 58 18.26 -7.59 -19.27
N ASN E 59 17.06 -8.12 -19.06
CA ASN E 59 16.00 -7.35 -18.42
C ASN E 59 16.40 -6.98 -16.99
N PRO E 60 16.34 -5.68 -16.62
CA PRO E 60 16.51 -5.33 -15.19
C PRO E 60 15.46 -5.98 -14.30
N PHE E 61 14.26 -6.20 -14.81
CA PHE E 61 13.19 -6.85 -14.07
C PHE E 61 13.20 -8.36 -14.25
N ARG E 62 14.28 -8.93 -14.77
CA ARG E 62 14.39 -10.37 -14.97
C ARG E 62 14.33 -11.11 -13.63
N ASP F 1 20.51 26.52 7.39
CA ASP F 1 21.94 26.44 7.79
C ASP F 1 22.27 25.07 8.34
N VAL F 2 22.76 24.18 7.48
CA VAL F 2 23.19 22.87 7.93
C VAL F 2 24.40 23.04 8.83
N GLN F 3 24.39 22.38 9.99
CA GLN F 3 25.45 22.59 10.96
C GLN F 3 25.80 21.26 11.62
N LEU F 4 27.08 21.09 11.93
CA LEU F 4 27.57 19.83 12.47
C LEU F 4 28.87 20.13 13.20
N VAL F 5 28.87 19.99 14.52
CA VAL F 5 29.92 20.55 15.37
C VAL F 5 30.45 19.45 16.30
N GLU F 6 31.68 19.02 16.07
CA GLU F 6 32.32 18.06 16.95
C GLU F 6 32.85 18.76 18.21
N SER F 7 33.07 17.96 19.25
CA SER F 7 33.65 18.43 20.50
C SER F 7 34.17 17.24 21.28
N GLY F 8 34.86 17.52 22.38
CA GLY F 8 35.29 16.51 23.32
C GLY F 8 36.74 16.07 23.18
N GLY F 9 37.44 16.51 22.14
CA GLY F 9 38.82 16.07 21.95
C GLY F 9 39.81 16.98 22.66
N GLY F 10 40.85 16.36 23.22
CA GLY F 10 41.91 17.12 23.84
C GLY F 10 43.07 16.22 24.21
N LEU F 11 44.03 16.81 24.92
CA LEU F 11 45.21 16.07 25.34
C LEU F 11 44.81 14.98 26.32
N VAL F 12 45.40 13.79 26.17
CA VAL F 12 45.11 12.65 27.03
C VAL F 12 46.36 11.78 27.09
N GLN F 13 46.46 10.99 28.16
CA GLN F 13 47.67 10.22 28.40
C GLN F 13 47.70 8.95 27.55
N PRO F 14 48.90 8.42 27.28
CA PRO F 14 48.99 7.11 26.61
C PRO F 14 48.25 6.04 27.41
N GLY F 15 47.45 5.25 26.71
CA GLY F 15 46.63 4.25 27.37
C GLY F 15 45.39 4.81 28.02
N GLY F 16 45.10 6.09 27.84
CA GLY F 16 43.92 6.70 28.41
C GLY F 16 42.67 6.43 27.58
N SER F 17 41.59 7.11 27.95
CA SER F 17 40.31 6.97 27.27
C SER F 17 39.64 8.34 27.18
N ARG F 18 38.74 8.48 26.21
CA ARG F 18 38.03 9.73 26.00
C ARG F 18 36.70 9.48 25.30
N LYS F 19 35.83 10.48 25.37
CA LYS F 19 34.54 10.45 24.71
C LYS F 19 34.43 11.67 23.80
N LEU F 20 34.17 11.45 22.52
CA LEU F 20 33.96 12.51 21.55
C LEU F 20 32.47 12.61 21.24
N SER F 21 32.05 13.78 20.75
CA SER F 21 30.65 13.99 20.42
C SER F 21 30.55 14.95 19.23
N CYS F 22 29.44 14.84 18.52
CA CYS F 22 29.14 15.70 17.38
C CYS F 22 27.68 16.10 17.47
N SER F 23 27.41 17.40 17.52
CA SER F 23 26.06 17.92 17.70
C SER F 23 25.57 18.49 16.37
N ALA F 24 24.49 17.93 15.85
CA ALA F 24 23.93 18.34 14.57
C ALA F 24 22.79 19.32 14.77
N SER F 25 22.54 20.11 13.73
CA SER F 25 21.38 20.99 13.68
C SER F 25 21.16 21.39 12.23
N GLY F 26 19.94 21.84 11.94
CA GLY F 26 19.59 22.26 10.60
C GLY F 26 19.29 21.14 9.62
N PHE F 27 19.42 19.89 10.05
CA PHE F 27 19.11 18.75 9.20
C PHE F 27 18.58 17.62 10.07
N ALA F 28 17.78 16.74 9.46
CA ALA F 28 17.12 15.64 10.17
C ALA F 28 18.15 14.59 10.57
N PHE F 29 18.84 14.86 11.66
CA PHE F 29 19.90 13.96 12.12
C PHE F 29 19.40 12.53 12.24
N SER F 30 18.15 12.35 12.66
CA SER F 30 17.63 11.01 12.89
C SER F 30 17.67 10.17 11.61
N SER F 31 17.46 10.79 10.46
CA SER F 31 17.38 10.05 9.20
C SER F 31 18.72 9.83 8.52
N PHE F 32 19.74 10.62 8.86
CA PHE F 32 21.06 10.46 8.27
C PHE F 32 21.88 9.40 9.00
N GLY F 33 22.74 8.74 8.24
CA GLY F 33 23.84 8.02 8.85
C GLY F 33 24.98 8.95 9.18
N MET F 34 25.81 8.54 10.14
CA MET F 34 26.89 9.37 10.63
C MET F 34 28.22 8.64 10.48
N HIS F 35 29.25 9.41 10.11
CA HIS F 35 30.59 8.90 9.94
C HIS F 35 31.56 9.70 10.80
N TRP F 36 32.63 9.03 11.21
CA TRP F 36 33.77 9.68 11.85
C TRP F 36 35.02 9.36 11.05
N VAL F 37 35.79 10.40 10.73
CA VAL F 37 36.93 10.28 9.81
C VAL F 37 38.17 10.78 10.54
N ARG F 38 39.11 9.88 10.76
CA ARG F 38 40.36 10.18 11.44
C ARG F 38 41.29 10.91 10.48
N GLN F 39 42.22 11.69 11.06
CA GLN F 39 43.26 12.34 10.27
C GLN F 39 44.44 12.64 11.20
N ALA F 40 45.50 11.85 11.06
CA ALA F 40 46.70 12.12 11.84
C ALA F 40 47.22 13.51 11.49
N PRO F 41 47.99 14.15 12.38
CA PRO F 41 48.32 15.56 12.16
C PRO F 41 49.04 15.83 10.86
N GLU F 42 49.73 14.85 10.29
CA GLU F 42 50.50 15.05 9.06
C GLU F 42 50.30 13.88 8.11
N LYS F 43 49.04 13.44 7.98
CA LYS F 43 48.73 12.28 7.16
C LYS F 43 47.35 12.44 6.54
N GLY F 44 46.98 11.48 5.71
CA GLY F 44 45.68 11.48 5.07
C GLY F 44 44.58 10.92 5.95
N LEU F 45 43.37 10.94 5.40
CA LEU F 45 42.19 10.56 6.16
C LEU F 45 42.17 9.06 6.42
N GLU F 46 41.44 8.67 7.47
CA GLU F 46 41.13 7.29 7.75
C GLU F 46 39.72 7.19 8.29
N TRP F 47 38.96 6.25 7.76
CA TRP F 47 37.60 6.03 8.23
C TRP F 47 37.61 5.33 9.58
N VAL F 48 36.86 5.89 10.54
CA VAL F 48 36.92 5.46 11.93
C VAL F 48 35.73 4.56 12.25
N ALA F 49 34.53 5.10 12.15
CA ALA F 49 33.33 4.35 12.46
C ALA F 49 32.15 4.92 11.69
N TYR F 50 31.13 4.09 11.52
CA TYR F 50 29.91 4.48 10.83
C TYR F 50 28.72 4.04 11.67
N ILE F 51 27.80 4.96 11.93
CA ILE F 51 26.59 4.65 12.70
C ILE F 51 25.41 4.90 11.78
N SER F 52 24.66 3.85 11.49
CA SER F 52 23.55 3.94 10.55
C SER F 52 22.39 4.71 11.16
N SER F 53 21.51 5.21 10.29
CA SER F 53 20.26 5.78 10.76
C SER F 53 19.43 4.67 11.39
N GLY F 54 18.82 4.97 12.54
CA GLY F 54 18.21 3.95 13.34
C GLY F 54 19.18 3.08 14.12
N SER F 55 20.48 3.33 13.99
CA SER F 55 21.52 2.66 14.76
C SER F 55 21.51 1.15 14.60
N GLY F 56 20.83 0.62 13.58
CA GLY F 56 20.78 -0.83 13.41
C GLY F 56 22.13 -1.43 13.06
N THR F 57 22.85 -0.81 12.10
CA THR F 57 24.11 -1.34 11.62
C THR F 57 25.24 -0.37 11.96
N ILE F 58 26.33 -0.92 12.50
CA ILE F 58 27.46 -0.13 12.97
C ILE F 58 28.73 -0.83 12.52
N TYR F 59 29.69 -0.05 12.03
CA TYR F 59 30.90 -0.58 11.42
C TYR F 59 32.12 0.07 12.05
N TYR F 60 33.25 -0.64 11.96
CA TYR F 60 34.49 -0.17 12.53
C TYR F 60 35.66 -0.74 11.72
N ALA F 61 36.74 0.01 11.67
CA ALA F 61 37.97 -0.47 11.07
C ALA F 61 38.70 -1.41 12.03
N ASP F 62 39.73 -2.09 11.51
CA ASP F 62 40.48 -3.02 12.33
C ASP F 62 41.42 -2.32 13.31
N THR F 63 41.85 -1.11 13.00
CA THR F 63 42.74 -0.34 13.88
C THR F 63 41.96 0.39 14.96
N VAL F 64 40.64 0.30 14.95
CA VAL F 64 39.81 1.10 15.84
C VAL F 64 38.95 0.13 16.64
N LYS F 65 38.31 -0.80 15.93
CA LYS F 65 37.39 -1.74 16.55
C LYS F 65 38.12 -2.56 17.61
N GLY F 66 37.36 -2.98 18.62
CA GLY F 66 37.92 -3.60 19.80
C GLY F 66 38.42 -2.61 20.84
N ARG F 67 38.46 -1.33 20.48
CA ARG F 67 38.81 -0.26 21.42
C ARG F 67 37.86 0.92 21.35
N PHE F 68 36.99 1.00 20.35
CA PHE F 68 36.06 2.11 20.20
C PHE F 68 34.62 1.61 20.21
N THR F 69 33.73 2.47 20.68
CA THR F 69 32.30 2.25 20.58
C THR F 69 31.64 3.59 20.34
N ILE F 70 30.53 3.57 19.61
CA ILE F 70 29.87 4.79 19.17
C ILE F 70 28.37 4.60 19.37
N SER F 71 27.65 5.72 19.46
CA SER F 71 26.21 5.67 19.57
C SER F 71 25.64 7.01 19.13
N ARG F 72 24.36 6.99 18.78
CA ARG F 72 23.62 8.18 18.39
C ARG F 72 22.64 8.52 19.51
N ASP F 73 22.70 9.75 19.99
CA ASP F 73 21.67 10.27 20.89
C ASP F 73 20.64 10.99 20.02
N ASP F 74 19.78 10.19 19.39
CA ASP F 74 18.87 10.71 18.37
C ASP F 74 18.08 11.93 18.80
N PRO F 75 17.45 11.98 19.98
CA PRO F 75 16.59 13.13 20.27
C PRO F 75 17.37 14.42 20.48
N LYS F 76 18.60 14.36 20.96
CA LYS F 76 19.42 15.56 21.06
C LYS F 76 20.25 15.83 19.81
N ASN F 77 20.20 14.92 18.83
CA ASN F 77 20.88 15.11 17.55
C ASN F 77 22.40 15.09 17.70
N THR F 78 22.92 14.39 18.70
CA THR F 78 24.36 14.33 18.93
C THR F 78 24.86 12.89 18.85
N LEU F 79 25.77 12.64 17.93
CA LEU F 79 26.42 11.34 17.84
C LEU F 79 27.63 11.29 18.76
N PHE F 80 27.82 10.15 19.42
CA PHE F 80 28.91 9.95 20.35
C PHE F 80 29.84 8.87 19.84
N LEU F 81 31.13 9.16 19.84
CA LEU F 81 32.17 8.17 19.58
C LEU F 81 32.98 8.02 20.87
N GLN F 82 33.02 6.81 21.40
CA GLN F 82 33.79 6.52 22.59
C GLN F 82 35.06 5.77 22.23
N MET F 83 36.18 6.24 22.76
CA MET F 83 37.49 5.71 22.43
C MET F 83 38.24 5.39 23.71
N THR F 84 38.97 4.27 23.69
CA THR F 84 39.63 3.75 24.87
C THR F 84 41.01 3.25 24.49
N SER F 85 41.90 3.16 25.48
CA SER F 85 43.22 2.59 25.30
C SER F 85 43.95 3.25 24.13
N LEU F 86 43.94 4.58 24.13
CA LEU F 86 44.52 5.32 23.02
C LEU F 86 46.02 5.12 22.94
N ARG F 87 46.50 4.77 21.75
CA ARG F 87 47.91 4.70 21.43
C ARG F 87 48.30 5.93 20.63
N SER F 88 49.61 6.11 20.44
CA SER F 88 50.10 7.31 19.76
C SER F 88 49.45 7.48 18.40
N GLU F 89 49.10 6.36 17.74
CA GLU F 89 48.44 6.45 16.44
C GLU F 89 47.13 7.20 16.49
N ASP F 90 46.52 7.31 17.67
CA ASP F 90 45.25 8.00 17.85
C ASP F 90 45.40 9.50 18.03
N THR F 91 46.57 10.07 17.71
CA THR F 91 46.84 11.49 17.90
C THR F 91 46.04 12.36 16.94
N ALA F 92 45.16 11.74 16.16
CA ALA F 92 44.60 12.36 14.97
C ALA F 92 43.49 13.35 15.32
N MET F 93 43.14 14.16 14.32
CA MET F 93 41.89 14.89 14.34
C MET F 93 40.78 13.99 13.80
N TYR F 94 39.57 14.20 14.31
CA TYR F 94 38.42 13.35 13.98
C TYR F 94 37.30 14.24 13.44
N TYR F 95 37.00 14.09 12.15
CA TYR F 95 35.88 14.81 11.55
C TYR F 95 34.57 14.06 11.74
N CYS F 96 33.49 14.82 11.70
CA CYS F 96 32.13 14.30 11.76
C CYS F 96 31.45 14.57 10.44
N VAL F 97 30.87 13.53 9.84
CA VAL F 97 30.36 13.60 8.48
C VAL F 97 29.02 12.88 8.42
N ARG F 98 28.04 13.50 7.78
CA ARG F 98 26.75 12.88 7.60
C ARG F 98 26.68 12.15 6.26
N SER F 99 25.79 11.17 6.21
CA SER F 99 25.50 10.49 4.96
C SER F 99 24.07 9.98 5.02
N ILE F 100 23.48 9.76 3.84
CA ILE F 100 22.21 9.04 3.76
C ILE F 100 22.18 8.32 2.42
N TYR F 101 21.61 7.12 2.42
CA TYR F 101 21.68 6.23 1.27
C TYR F 101 20.28 6.01 0.71
N TYR F 102 20.11 6.36 -0.56
CA TYR F 102 18.94 5.97 -1.34
C TYR F 102 19.30 6.27 -2.78
N TYR F 103 18.51 5.75 -3.70
CA TYR F 103 18.84 5.92 -5.11
C TYR F 103 19.00 7.40 -5.43
N GLY F 104 20.23 7.79 -5.77
CA GLY F 104 20.55 9.18 -6.06
C GLY F 104 21.06 9.99 -4.90
N SER F 105 21.26 9.39 -3.73
CA SER F 105 21.78 10.12 -2.59
C SER F 105 23.27 10.39 -2.76
N SER F 106 23.79 11.28 -1.90
CA SER F 106 25.19 11.70 -1.94
C SER F 106 25.81 11.53 -0.56
N PRO F 107 26.35 10.35 -0.24
CA PRO F 107 26.95 10.16 1.08
C PRO F 107 28.13 11.09 1.30
N PHE F 108 28.40 11.38 2.57
CA PHE F 108 29.50 12.25 2.99
C PHE F 108 29.32 13.69 2.52
N ASP F 109 28.10 14.14 2.29
CA ASP F 109 27.90 15.43 1.64
C ASP F 109 28.24 16.61 2.54
N PHE F 110 28.25 16.44 3.85
CA PHE F 110 28.58 17.53 4.76
C PHE F 110 29.53 17.05 5.84
N TRP F 111 30.54 17.87 6.14
CA TRP F 111 31.57 17.56 7.13
C TRP F 111 31.56 18.60 8.24
N GLY F 112 31.87 18.16 9.44
CA GLY F 112 31.98 19.07 10.57
C GLY F 112 33.25 19.89 10.45
N GLN F 113 33.65 20.53 11.56
CA GLN F 113 34.90 21.28 11.57
C GLN F 113 36.06 20.48 12.12
N GLY F 114 35.82 19.31 12.69
CA GLY F 114 36.87 18.43 13.14
C GLY F 114 37.33 18.71 14.55
N THR F 115 37.30 17.70 15.41
CA THR F 115 37.77 17.83 16.79
C THR F 115 39.19 17.29 16.88
N THR F 116 40.13 18.15 17.27
CA THR F 116 41.50 17.72 17.40
C THR F 116 41.65 16.79 18.59
N LEU F 117 42.79 16.11 18.66
CA LEU F 117 43.08 15.24 19.78
C LEU F 117 44.59 15.06 19.84
N THR F 118 45.07 14.63 21.01
CA THR F 118 46.47 14.32 21.19
C THR F 118 46.61 13.23 22.24
N VAL F 119 47.56 12.33 22.02
CA VAL F 119 48.09 11.48 23.07
C VAL F 119 49.52 11.95 23.33
N SER F 120 49.81 12.25 24.59
CA SER F 120 51.10 12.85 24.95
C SER F 120 52.27 12.04 24.40
N GLY F 135 43.98 -6.71 6.01
CA GLY F 135 45.01 -6.85 5.00
C GLY F 135 44.46 -7.37 3.69
N SER F 136 43.42 -8.20 3.78
CA SER F 136 42.73 -8.70 2.60
C SER F 136 41.77 -7.67 2.01
N ASP F 137 41.60 -6.53 2.65
CA ASP F 137 40.60 -5.55 2.27
C ASP F 137 41.12 -4.63 1.17
N ILE F 138 40.20 -3.83 0.61
CA ILE F 138 40.55 -2.97 -0.51
C ILE F 138 41.57 -1.92 -0.07
N VAL F 139 42.54 -1.67 -0.93
CA VAL F 139 43.55 -0.64 -0.71
C VAL F 139 43.61 0.23 -1.95
N MET F 140 44.02 1.48 -1.77
CA MET F 140 43.99 2.47 -2.83
C MET F 140 45.27 3.30 -2.76
N THR F 141 45.63 3.90 -3.89
CA THR F 141 46.86 4.65 -4.00
C THR F 141 46.67 5.86 -4.91
N GLN F 142 47.48 6.89 -4.69
CA GLN F 142 47.58 8.04 -5.58
C GLN F 142 49.05 8.32 -5.86
N ALA F 143 49.41 8.35 -7.14
CA ALA F 143 50.78 8.66 -7.53
C ALA F 143 51.06 10.15 -7.42
N THR F 144 50.04 11.00 -7.50
CA THR F 144 50.20 12.45 -7.45
C THR F 144 50.34 12.97 -6.02
N SER F 145 51.29 12.43 -5.26
CA SER F 145 51.49 12.88 -3.89
C SER F 145 51.70 14.39 -3.82
N SER F 146 52.43 14.94 -4.79
CA SER F 146 52.58 16.39 -4.94
C SER F 146 52.41 16.74 -6.41
N VAL F 147 51.84 17.92 -6.65
CA VAL F 147 51.59 18.38 -8.02
C VAL F 147 51.73 19.91 -8.07
N PRO F 148 52.73 20.46 -8.76
CA PRO F 148 52.78 21.91 -8.94
C PRO F 148 51.76 22.35 -9.99
N VAL F 149 50.92 23.31 -9.62
CA VAL F 149 49.85 23.80 -10.46
C VAL F 149 49.79 25.32 -10.34
N THR F 150 49.01 25.94 -11.23
CA THR F 150 48.91 27.38 -11.31
C THR F 150 47.49 27.77 -11.65
N PRO F 151 47.09 29.02 -11.35
CA PRO F 151 45.76 29.48 -11.76
C PRO F 151 45.58 29.41 -13.27
N GLY F 152 44.37 29.08 -13.69
CA GLY F 152 44.04 28.93 -15.08
C GLY F 152 44.52 27.63 -15.71
N GLU F 153 45.37 26.87 -15.02
CA GLU F 153 45.81 25.58 -15.53
C GLU F 153 44.74 24.53 -15.27
N SER F 154 45.04 23.30 -15.70
CA SER F 154 44.19 22.14 -15.45
C SER F 154 45.06 20.99 -14.98
N VAL F 155 44.58 20.25 -13.98
CA VAL F 155 45.34 19.20 -13.34
C VAL F 155 44.47 17.97 -13.21
N SER F 156 45.09 16.80 -13.14
CA SER F 156 44.39 15.52 -13.04
C SER F 156 45.01 14.68 -11.92
N ILE F 157 44.34 14.62 -10.77
CA ILE F 157 44.73 13.69 -9.72
C ILE F 157 44.44 12.28 -10.20
N SER F 158 45.37 11.36 -9.93
CA SER F 158 45.27 9.97 -10.37
C SER F 158 45.05 9.07 -9.16
N CYS F 159 44.08 8.16 -9.27
CA CYS F 159 43.66 7.32 -8.16
C CYS F 159 43.46 5.90 -8.67
N ARG F 160 43.92 4.92 -7.88
CA ARG F 160 43.79 3.51 -8.25
C ARG F 160 43.29 2.73 -7.05
N SER F 161 42.98 1.45 -7.29
CA SER F 161 42.50 0.55 -6.28
C SER F 161 43.09 -0.84 -6.51
N SER F 162 43.04 -1.66 -5.47
CA SER F 162 43.46 -3.06 -5.59
C SER F 162 42.36 -3.94 -6.14
N LYS F 163 41.09 -3.57 -5.96
CA LYS F 163 39.98 -4.31 -6.52
C LYS F 163 39.01 -3.33 -7.16
N SER F 164 38.37 -3.78 -8.25
CA SER F 164 37.50 -2.90 -9.02
C SER F 164 36.40 -2.34 -8.13
N LEU F 165 36.18 -1.03 -8.22
CA LEU F 165 35.09 -0.37 -7.52
C LEU F 165 33.79 -0.40 -8.29
N LEU F 166 33.80 -0.92 -9.53
CA LEU F 166 32.60 -1.07 -10.33
C LEU F 166 31.86 -2.33 -9.87
N HIS F 167 30.68 -2.14 -9.31
CA HIS F 167 29.91 -3.26 -8.77
C HIS F 167 28.92 -3.77 -9.82
N SER F 168 28.43 -4.99 -9.59
CA SER F 168 27.57 -5.64 -10.58
C SER F 168 26.31 -4.84 -10.89
N ASN F 169 25.85 -4.01 -9.96
CA ASN F 169 24.64 -3.23 -10.20
C ASN F 169 24.89 -2.01 -11.08
N GLY F 170 26.13 -1.78 -11.51
CA GLY F 170 26.46 -0.69 -12.40
C GLY F 170 27.00 0.55 -11.74
N ASN F 171 27.04 0.60 -10.41
CA ASN F 171 27.65 1.72 -9.71
C ASN F 171 29.15 1.50 -9.56
N THR F 172 29.90 2.60 -9.61
CA THR F 172 31.31 2.61 -9.26
C THR F 172 31.49 3.55 -8.07
N TYR F 173 31.89 3.00 -6.94
CA TYR F 173 31.83 3.71 -5.66
C TYR F 173 33.17 4.38 -5.33
N LEU F 174 33.52 5.38 -6.12
CA LEU F 174 34.69 6.23 -5.87
C LEU F 174 34.22 7.62 -5.46
N TYR F 175 34.81 8.14 -4.37
CA TYR F 175 34.49 9.46 -3.86
C TYR F 175 35.74 10.32 -3.83
N TRP F 176 35.60 11.58 -4.25
CA TRP F 176 36.70 12.56 -4.25
C TRP F 176 36.40 13.68 -3.27
N PHE F 177 37.34 13.92 -2.34
CA PHE F 177 37.22 14.98 -1.34
C PHE F 177 38.38 15.96 -1.47
N LEU F 178 38.10 17.23 -1.15
CA LEU F 178 39.12 18.27 -1.10
C LEU F 178 39.19 18.83 0.32
N GLN F 179 40.36 18.72 0.94
CA GLN F 179 40.62 19.37 2.23
C GLN F 179 41.45 20.62 1.98
N ARG F 180 40.77 21.74 1.75
CA ARG F 180 41.48 22.99 1.54
C ARG F 180 42.30 23.32 2.78
N PRO F 181 43.41 24.05 2.63
CA PRO F 181 44.28 24.31 3.79
C PRO F 181 43.52 24.93 4.95
N GLY F 182 43.53 24.25 6.09
CA GLY F 182 42.82 24.68 7.27
C GLY F 182 41.35 24.33 7.31
N GLN F 183 40.69 24.18 6.17
CA GLN F 183 39.27 23.87 6.14
C GLN F 183 39.04 22.38 6.37
N SER F 184 37.76 21.98 6.38
CA SER F 184 37.34 20.60 6.48
C SER F 184 37.13 19.99 5.09
N PRO F 185 37.25 18.68 4.95
CA PRO F 185 37.07 18.06 3.64
C PRO F 185 35.70 18.34 3.05
N GLN F 186 35.68 18.73 1.78
CA GLN F 186 34.46 19.01 1.05
C GLN F 186 34.28 17.97 -0.04
N LEU F 187 33.09 17.39 -0.12
CA LEU F 187 32.81 16.38 -1.14
C LEU F 187 32.69 17.05 -2.50
N LEU F 188 33.45 16.54 -3.47
CA LEU F 188 33.45 17.07 -4.83
C LEU F 188 32.73 16.13 -5.81
N ILE F 189 33.11 14.86 -5.83
CA ILE F 189 32.54 13.89 -6.76
C ILE F 189 32.19 12.64 -5.97
N TYR F 190 30.95 12.16 -6.13
CA TYR F 190 30.52 10.91 -5.51
C TYR F 190 30.13 9.89 -6.57
N ARG F 191 30.41 8.63 -6.28
CA ARG F 191 30.30 7.54 -7.25
C ARG F 191 30.95 7.91 -8.58
N MET F 192 32.12 8.54 -8.46
CA MET F 192 33.09 8.69 -9.54
C MET F 192 32.58 9.43 -10.77
N SER F 193 31.35 9.94 -10.75
CA SER F 193 30.94 10.83 -11.83
C SER F 193 30.14 12.03 -11.36
N ASN F 194 29.50 11.90 -10.19
CA ASN F 194 28.46 12.85 -9.81
C ASN F 194 29.03 14.00 -9.00
N LEU F 195 28.73 15.22 -9.44
CA LEU F 195 29.10 16.41 -8.66
C LEU F 195 28.19 16.55 -7.46
N ALA F 196 28.78 16.67 -6.28
CA ALA F 196 28.00 16.96 -5.09
C ALA F 196 27.46 18.38 -5.15
N SER F 197 26.42 18.63 -4.36
CA SER F 197 25.76 19.92 -4.41
C SER F 197 26.73 21.03 -4.03
N GLY F 198 26.59 22.17 -4.71
CA GLY F 198 27.43 23.33 -4.47
C GLY F 198 28.81 23.27 -5.10
N VAL F 199 29.23 22.13 -5.62
CA VAL F 199 30.53 22.04 -6.27
C VAL F 199 30.47 22.74 -7.62
N PRO F 200 31.46 23.57 -7.98
CA PRO F 200 31.41 24.24 -9.29
C PRO F 200 31.38 23.25 -10.44
N ASP F 201 30.94 23.75 -11.60
CA ASP F 201 30.80 22.90 -12.78
C ASP F 201 32.13 22.36 -13.29
N ARG F 202 33.24 22.91 -12.82
CA ARG F 202 34.55 22.65 -13.41
C ARG F 202 35.23 21.38 -12.88
N PHE F 203 34.62 20.66 -11.95
CA PHE F 203 35.14 19.36 -11.57
C PHE F 203 34.48 18.25 -12.38
N SER F 204 35.20 17.14 -12.53
CA SER F 204 34.66 15.98 -13.22
C SER F 204 35.37 14.74 -12.72
N GLY F 205 34.66 13.61 -12.73
CA GLY F 205 35.21 12.32 -12.37
C GLY F 205 35.25 11.43 -13.59
N SER F 206 36.20 10.50 -13.60
CA SER F 206 36.40 9.64 -14.76
C SER F 206 37.08 8.35 -14.32
N GLY F 207 37.26 7.45 -15.28
CA GLY F 207 37.89 6.17 -15.02
C GLY F 207 36.89 5.10 -14.64
N SER F 208 37.33 3.85 -14.76
CA SER F 208 36.50 2.71 -14.44
C SER F 208 37.39 1.55 -14.05
N GLY F 209 36.78 0.58 -13.37
CA GLY F 209 37.52 -0.60 -12.93
C GLY F 209 38.35 -0.32 -11.70
N THR F 210 39.68 -0.38 -11.84
CA THR F 210 40.60 -0.17 -10.72
C THR F 210 41.40 1.11 -10.84
N ALA F 211 41.31 1.83 -11.96
CA ALA F 211 42.06 3.05 -12.18
C ALA F 211 41.09 4.19 -12.39
N PHE F 212 41.30 5.30 -11.67
CA PHE F 212 40.39 6.43 -11.68
C PHE F 212 41.16 7.73 -11.82
N THR F 213 40.47 8.76 -12.29
CA THR F 213 41.04 10.08 -12.44
C THR F 213 39.96 11.13 -12.30
N LEU F 214 40.30 12.25 -11.67
CA LEU F 214 39.43 13.41 -11.57
C LEU F 214 40.15 14.61 -12.15
N THR F 215 39.47 15.32 -13.04
CA THR F 215 40.04 16.51 -13.67
C THR F 215 39.53 17.76 -12.98
N ILE F 216 40.42 18.73 -12.81
CA ILE F 216 40.03 20.08 -12.37
C ILE F 216 40.26 21.01 -13.55
N SER F 217 39.17 21.45 -14.17
CA SER F 217 39.27 22.37 -15.29
C SER F 217 39.34 23.80 -14.78
N ARG F 218 40.10 24.63 -15.49
CA ARG F 218 40.25 26.06 -15.19
C ARG F 218 40.47 26.28 -13.70
N LEU F 219 41.59 25.75 -13.22
CA LEU F 219 41.90 25.81 -11.79
C LEU F 219 41.91 27.25 -11.30
N GLU F 220 41.57 27.42 -10.02
CA GLU F 220 41.64 28.71 -9.35
C GLU F 220 42.29 28.51 -7.98
N ALA F 221 42.80 29.61 -7.43
CA ALA F 221 43.47 29.54 -6.13
C ALA F 221 42.53 29.01 -5.06
N GLU F 222 41.23 29.23 -5.22
CA GLU F 222 40.25 28.71 -4.25
C GLU F 222 40.16 27.20 -4.26
N ASP F 223 40.71 26.52 -5.26
CA ASP F 223 40.69 25.07 -5.34
C ASP F 223 41.95 24.42 -4.79
N VAL F 224 42.90 25.23 -4.30
CA VAL F 224 44.15 24.65 -3.80
C VAL F 224 43.86 23.83 -2.54
N GLY F 225 44.69 22.83 -2.29
CA GLY F 225 44.56 21.95 -1.15
C GLY F 225 44.82 20.53 -1.55
N VAL F 226 44.61 19.62 -0.60
CA VAL F 226 44.97 18.22 -0.76
C VAL F 226 43.71 17.41 -1.05
N TYR F 227 43.76 16.62 -2.11
CA TYR F 227 42.60 15.87 -2.61
C TYR F 227 42.67 14.43 -2.12
N TYR F 228 41.53 13.88 -1.75
CA TYR F 228 41.45 12.51 -1.25
C TYR F 228 40.46 11.69 -2.06
N CYS F 229 40.78 10.40 -2.20
CA CYS F 229 40.02 9.46 -3.01
C CYS F 229 39.67 8.26 -2.14
N MET F 230 38.38 7.95 -2.03
CA MET F 230 37.89 6.96 -1.09
C MET F 230 36.99 5.95 -1.79
N GLN F 231 37.18 4.69 -1.46
CA GLN F 231 36.30 3.63 -1.94
C GLN F 231 35.15 3.43 -0.97
N HIS F 232 33.94 3.23 -1.51
CA HIS F 232 32.78 2.89 -0.69
C HIS F 232 32.25 1.50 -1.00
N LEU F 233 33.00 0.69 -1.73
CA LEU F 233 32.49 -0.60 -2.17
C LEU F 233 32.21 -1.53 -0.99
N GLU F 234 33.07 -1.51 0.02
CA GLU F 234 32.82 -2.33 1.19
C GLU F 234 33.59 -1.77 2.37
N TYR F 235 32.97 -1.82 3.54
CA TYR F 235 33.65 -1.41 4.76
C TYR F 235 34.73 -2.44 5.08
N PRO F 236 35.93 -2.02 5.52
CA PRO F 236 36.36 -0.64 5.78
C PRO F 236 36.54 0.21 4.53
N LEU F 237 36.12 1.47 4.59
CA LEU F 237 36.28 2.43 3.51
C LEU F 237 37.69 3.02 3.55
N THR F 238 38.61 2.34 2.88
CA THR F 238 40.00 2.80 2.84
C THR F 238 40.12 4.08 2.02
N PHE F 239 40.80 5.08 2.58
CA PHE F 239 41.09 6.32 1.88
C PHE F 239 42.43 6.23 1.17
N GLY F 240 42.57 7.02 0.10
CA GLY F 240 43.85 7.15 -0.57
C GLY F 240 44.77 8.11 0.15
N ALA F 241 46.07 7.97 -0.12
CA ALA F 241 47.07 8.82 0.53
C ALA F 241 46.87 10.29 0.18
N GLY F 242 46.16 10.59 -0.91
CA GLY F 242 45.82 11.94 -1.26
C GLY F 242 46.83 12.62 -2.17
N THR F 243 46.40 13.75 -2.74
CA THR F 243 47.18 14.52 -3.71
C THR F 243 47.39 15.92 -3.14
N LYS F 244 48.64 16.29 -2.92
CA LYS F 244 48.97 17.61 -2.38
C LYS F 244 49.10 18.60 -3.52
N LEU F 245 47.95 18.98 -4.09
CA LEU F 245 47.94 19.98 -5.15
C LEU F 245 48.30 21.34 -4.55
N GLU F 246 49.45 21.87 -4.95
CA GLU F 246 50.00 23.10 -4.37
C GLU F 246 50.23 24.12 -5.48
N LEU F 247 49.80 25.35 -5.25
CA LEU F 247 49.78 26.38 -6.28
C LEU F 247 51.19 26.80 -6.69
#